data_7R1I
#
_entry.id   7R1I
#
_cell.length_a   137.943
_cell.length_b   69.466
_cell.length_c   144.901
_cell.angle_alpha   90.000
_cell.angle_beta   94.138
_cell.angle_gamma   90.000
#
_symmetry.space_group_name_H-M   'C 1 2 1'
#
loop_
_entity.id
_entity.type
_entity.pdbx_description
1 polymer 'Steroid C26-monooxygenase'
2 non-polymer 'PROTOPORPHYRIN IX CONTAINING FE'
3 non-polymer 'ethyl 1-(2-piperidin-4-ylethyl)-5-pyridin-4-yl-indole-2-carboxylate'
4 non-polymer 'SULFATE ION'
5 non-polymer 'CHLORIDE ION'
6 water water
#
_entity_poly.entity_id   1
_entity_poly.type   'polypeptide(L)'
_entity_poly.pdbx_seq_one_letter_code
;NGPSPNLPPGFDFTDPAIYAERLPVAEFAELRSAAPIWWNGQDPGKGGGFHDGGFWAITKLNDVKEISRHSDVFSSYENG
VIPRFKNDIAREDIEVQRFVMLNMDAPHHTRLRKIISRGFTPRAVGRLHDELQERAQKIAAEAAAAGSGDFVEQVSCELP
LQAIAGLLGVPQEDRGKLFHWSNEMTGNEDPEYAHIDPKASSAELIGYAMKMAEEKAKNPADDIVTQLIQADIDGEKLSD
DEFGFFVVMLAVAGNETTRNSITQGMMAFAEHPDQWELYKKVRPETAADEIVRWATPVTAFQRTALRDYELSGVQIKKGQ
RVVMFYRSANFDEEVFQDPFTFNILRNPNPHVGFGGTGAHYCIGANLARMTINLIFNAVADHMPDLKPISAPERLRSGWL
NGIKHWQVDYTGRCPVAH
;
_entity_poly.pdbx_strand_id   A,B,C
#
# COMPACT_ATOMS: atom_id res chain seq x y z
N PRO A 3 -46.11 44.42 -8.81
CA PRO A 3 -46.40 44.20 -7.40
C PRO A 3 -45.56 43.07 -6.80
N SER A 4 -44.87 43.36 -5.70
CA SER A 4 -44.00 42.38 -5.06
C SER A 4 -44.82 41.27 -4.41
N PRO A 5 -44.25 40.07 -4.29
CA PRO A 5 -45.00 38.97 -3.68
C PRO A 5 -45.22 39.18 -2.20
N ASN A 6 -46.38 38.74 -1.71
CA ASN A 6 -46.75 38.89 -0.30
C ASN A 6 -46.04 37.82 0.51
N LEU A 7 -44.79 38.12 0.88
CA LEU A 7 -43.95 37.25 1.68
C LEU A 7 -43.36 38.02 2.85
N PRO A 8 -43.05 37.35 3.95
CA PRO A 8 -42.42 38.05 5.06
C PRO A 8 -41.11 38.66 4.63
N PRO A 9 -40.72 39.80 5.21
CA PRO A 9 -39.46 40.44 4.82
C PRO A 9 -38.28 39.55 5.18
N GLY A 10 -37.33 39.43 4.26
CA GLY A 10 -36.18 38.57 4.46
C GLY A 10 -36.44 37.09 4.34
N PHE A 11 -37.62 36.68 3.91
CA PHE A 11 -37.93 35.26 3.71
C PHE A 11 -36.90 34.60 2.80
N ASP A 12 -36.38 33.44 3.23
CA ASP A 12 -35.45 32.65 2.43
C ASP A 12 -36.06 31.28 2.22
N PHE A 13 -36.27 30.91 0.96
CA PHE A 13 -36.91 29.65 0.64
C PHE A 13 -36.02 28.44 0.91
N THR A 14 -34.73 28.67 1.17
CA THR A 14 -33.83 27.60 1.58
C THR A 14 -33.62 27.54 3.09
N ASP A 15 -34.41 28.28 3.86
CA ASP A 15 -34.22 28.37 5.31
C ASP A 15 -34.56 27.05 5.98
N PRO A 16 -33.60 26.35 6.57
CA PRO A 16 -33.92 25.06 7.23
C PRO A 16 -34.95 25.19 8.34
N ALA A 17 -35.00 26.34 9.01
CA ALA A 17 -35.95 26.53 10.10
C ALA A 17 -37.40 26.44 9.60
N ILE A 18 -37.64 26.77 8.34
CA ILE A 18 -38.97 26.57 7.77
C ILE A 18 -39.29 25.09 7.69
N TYR A 19 -38.43 24.33 7.03
CA TYR A 19 -38.75 22.94 6.71
C TYR A 19 -38.78 22.05 7.95
N ALA A 20 -38.10 22.45 9.02
CA ALA A 20 -38.21 21.74 10.28
C ALA A 20 -39.63 21.74 10.82
N GLU A 21 -40.47 22.66 10.36
CA GLU A 21 -41.83 22.82 10.85
C GLU A 21 -42.89 22.53 9.81
N ARG A 22 -42.66 22.89 8.55
CA ARG A 22 -43.71 22.85 7.54
C ARG A 22 -43.09 22.96 6.16
N LEU A 23 -43.87 22.59 5.16
CA LEU A 23 -43.52 22.94 3.79
C LEU A 23 -44.15 24.29 3.45
N PRO A 24 -43.39 25.23 2.90
CA PRO A 24 -43.96 26.57 2.64
C PRO A 24 -44.82 26.58 1.38
N VAL A 25 -45.95 25.88 1.45
CA VAL A 25 -46.78 25.63 0.27
C VAL A 25 -47.45 26.92 -0.19
N ALA A 26 -47.96 27.72 0.74
CA ALA A 26 -48.62 28.97 0.36
C ALA A 26 -47.62 29.98 -0.19
N GLU A 27 -46.39 29.99 0.33
CA GLU A 27 -45.37 30.91 -0.16
C GLU A 27 -44.98 30.57 -1.59
N PHE A 28 -44.74 29.29 -1.88
CA PHE A 28 -44.47 28.87 -3.26
C PHE A 28 -45.62 29.26 -4.18
N ALA A 29 -46.86 29.02 -3.74
CA ALA A 29 -48.01 29.37 -4.55
C ALA A 29 -48.09 30.87 -4.80
N GLU A 30 -47.65 31.67 -3.84
CA GLU A 30 -47.65 33.11 -4.04
C GLU A 30 -46.65 33.52 -5.10
N LEU A 31 -45.47 32.88 -5.12
CA LEU A 31 -44.51 33.19 -6.16
C LEU A 31 -45.03 32.79 -7.54
N ARG A 32 -45.61 31.59 -7.66
CA ARG A 32 -46.13 31.16 -8.95
C ARG A 32 -47.13 32.16 -9.50
N SER A 33 -47.92 32.79 -8.62
CA SER A 33 -48.94 33.72 -9.07
C SER A 33 -48.37 35.12 -9.33
N ALA A 34 -47.54 35.63 -8.42
CA ALA A 34 -47.13 37.03 -8.45
C ALA A 34 -45.69 37.28 -8.89
N ALA A 35 -44.85 36.24 -8.94
CA ALA A 35 -43.43 36.38 -9.32
C ALA A 35 -42.80 35.02 -9.56
N PRO A 36 -43.09 34.38 -10.70
CA PRO A 36 -42.64 32.99 -10.89
C PRO A 36 -41.14 32.82 -10.87
N ILE A 37 -40.40 33.86 -11.27
CA ILE A 37 -38.95 33.92 -11.09
C ILE A 37 -38.67 35.12 -10.22
N TRP A 38 -38.03 34.89 -9.07
CA TRP A 38 -37.98 35.90 -8.02
C TRP A 38 -36.62 35.85 -7.34
N TRP A 39 -36.00 37.01 -7.18
CA TRP A 39 -34.71 37.10 -6.52
C TRP A 39 -34.91 36.91 -5.01
N ASN A 40 -34.32 35.84 -4.48
CA ASN A 40 -34.32 35.58 -3.04
C ASN A 40 -33.04 36.15 -2.46
N GLY A 41 -33.12 37.34 -1.88
CA GLY A 41 -31.94 37.96 -1.31
C GLY A 41 -31.52 37.28 -0.02
N GLN A 42 -30.20 37.25 0.21
CA GLN A 42 -29.62 36.62 1.38
C GLN A 42 -28.66 37.58 2.07
N ASP A 43 -28.89 37.83 3.35
CA ASP A 43 -28.04 38.73 4.12
C ASP A 43 -26.63 38.15 4.29
N PRO A 44 -25.65 38.99 4.65
CA PRO A 44 -24.26 38.49 4.73
C PRO A 44 -24.11 37.34 5.71
N GLY A 45 -23.35 36.33 5.30
CA GLY A 45 -23.13 35.16 6.12
C GLY A 45 -24.35 34.33 6.41
N LYS A 46 -25.43 34.52 5.66
CA LYS A 46 -26.65 33.74 5.85
C LYS A 46 -27.06 33.00 4.59
N GLY A 47 -26.12 32.76 3.68
CA GLY A 47 -26.45 32.14 2.41
C GLY A 47 -26.18 30.65 2.33
N GLY A 48 -26.12 29.99 3.49
CA GLY A 48 -25.89 28.55 3.53
C GLY A 48 -24.61 28.09 2.83
N GLY A 49 -23.53 28.85 2.98
CA GLY A 49 -22.26 28.54 2.34
C GLY A 49 -21.99 29.31 1.08
N PHE A 50 -22.94 30.10 0.59
CA PHE A 50 -22.76 30.88 -0.62
C PHE A 50 -22.85 32.36 -0.27
N HIS A 51 -21.88 33.14 -0.75
CA HIS A 51 -21.71 34.52 -0.31
C HIS A 51 -21.82 35.47 -1.49
N ASP A 52 -22.92 35.36 -2.24
CA ASP A 52 -23.10 36.10 -3.48
C ASP A 52 -24.34 37.01 -3.45
N GLY A 53 -25.00 37.14 -2.30
CA GLY A 53 -26.11 38.04 -2.14
C GLY A 53 -27.48 37.39 -2.26
N GLY A 54 -27.59 36.24 -2.91
CA GLY A 54 -28.88 35.60 -3.06
C GLY A 54 -28.90 34.73 -4.31
N PHE A 55 -30.13 34.45 -4.77
CA PHE A 55 -30.34 33.53 -5.88
C PHE A 55 -31.71 33.78 -6.50
N TRP A 56 -31.91 33.26 -7.71
CA TRP A 56 -33.20 33.29 -8.38
C TRP A 56 -34.01 32.06 -7.97
N ALA A 57 -35.15 32.28 -7.33
CA ALA A 57 -36.09 31.20 -7.02
C ALA A 57 -36.88 30.84 -8.27
N ILE A 58 -36.78 29.58 -8.70
CA ILE A 58 -37.50 29.08 -9.87
C ILE A 58 -38.66 28.23 -9.38
N THR A 59 -39.89 28.66 -9.69
CA THR A 59 -41.08 28.03 -9.14
C THR A 59 -42.00 27.38 -10.16
N LYS A 60 -41.76 27.56 -11.45
CA LYS A 60 -42.60 27.00 -12.49
C LYS A 60 -41.95 25.78 -13.11
N LEU A 61 -42.77 24.77 -13.46
CA LEU A 61 -42.22 23.52 -13.97
C LEU A 61 -41.55 23.72 -15.32
N ASN A 62 -42.15 24.51 -16.20
CA ASN A 62 -41.54 24.72 -17.51
C ASN A 62 -40.19 25.42 -17.38
N ASP A 63 -40.04 26.32 -16.42
CA ASP A 63 -38.76 26.95 -16.18
C ASP A 63 -37.76 25.95 -15.58
N VAL A 64 -38.22 25.08 -14.70
CA VAL A 64 -37.36 24.04 -14.16
C VAL A 64 -36.85 23.13 -15.27
N LYS A 65 -37.74 22.76 -16.20
CA LYS A 65 -37.31 21.92 -17.32
C LYS A 65 -36.32 22.66 -18.21
N GLU A 66 -36.58 23.94 -18.51
CA GLU A 66 -35.69 24.68 -19.40
C GLU A 66 -34.28 24.78 -18.82
N ILE A 67 -34.15 25.05 -17.53
CA ILE A 67 -32.83 25.09 -16.90
C ILE A 67 -32.15 23.74 -16.99
N SER A 68 -32.89 22.66 -16.71
CA SER A 68 -32.31 21.32 -16.68
C SER A 68 -31.85 20.86 -18.06
N ARG A 69 -32.51 21.31 -19.12
CA ARG A 69 -32.12 20.94 -20.47
C ARG A 69 -30.89 21.71 -20.94
N HIS A 70 -30.82 23.00 -20.61
CA HIS A 70 -29.71 23.85 -21.02
C HIS A 70 -28.55 23.74 -20.02
N SER A 71 -28.07 22.51 -19.84
CA SER A 71 -26.94 22.28 -18.96
C SER A 71 -25.64 22.85 -19.52
N ASP A 72 -25.61 23.16 -20.82
CA ASP A 72 -24.47 23.89 -21.38
C ASP A 72 -24.38 25.29 -20.81
N VAL A 73 -25.50 25.86 -20.37
CA VAL A 73 -25.52 27.18 -19.75
C VAL A 73 -25.59 27.08 -18.23
N PHE A 74 -26.46 26.23 -17.70
CA PHE A 74 -26.74 26.16 -16.27
C PHE A 74 -25.93 25.01 -15.67
N SER A 75 -24.87 25.37 -14.96
CA SER A 75 -23.83 24.42 -14.58
C SER A 75 -24.09 23.82 -13.20
N SER A 76 -23.84 22.52 -13.09
CA SER A 76 -23.81 21.87 -11.79
C SER A 76 -22.44 21.99 -11.12
N TYR A 77 -21.37 22.05 -11.92
CA TYR A 77 -20.02 22.01 -11.39
C TYR A 77 -19.66 23.29 -10.65
N GLU A 78 -20.10 24.44 -11.16
CA GLU A 78 -19.56 25.73 -10.72
C GLU A 78 -19.76 25.97 -9.23
N ASN A 79 -20.95 25.67 -8.71
CA ASN A 79 -21.19 25.85 -7.28
C ASN A 79 -21.77 24.62 -6.61
N GLY A 80 -21.76 23.46 -7.28
CA GLY A 80 -22.48 22.30 -6.77
C GLY A 80 -23.98 22.49 -6.98
N VAL A 81 -24.79 21.47 -6.73
CA VAL A 81 -26.24 21.60 -6.89
C VAL A 81 -26.97 21.71 -5.58
N ILE A 82 -26.30 21.49 -4.45
CA ILE A 82 -26.96 21.63 -3.17
C ILE A 82 -27.04 23.12 -2.83
N PRO A 83 -28.23 23.64 -2.53
CA PRO A 83 -28.40 25.09 -2.36
C PRO A 83 -28.20 25.59 -0.94
N ARG A 84 -27.91 24.71 0.02
CA ARG A 84 -27.80 25.13 1.41
C ARG A 84 -26.93 24.17 2.20
N PHE A 85 -25.86 24.69 2.78
CA PHE A 85 -25.06 24.04 3.80
C PHE A 85 -25.13 24.87 5.08
N LYS A 86 -24.36 24.47 6.09
CA LYS A 86 -24.16 25.31 7.25
C LYS A 86 -23.56 26.65 6.81
N ASN A 87 -23.98 27.74 7.45
CA ASN A 87 -23.53 29.06 7.03
C ASN A 87 -22.02 29.22 7.09
N ASP A 88 -21.34 28.40 7.89
CA ASP A 88 -19.91 28.53 8.12
C ASP A 88 -19.06 27.58 7.30
N ILE A 89 -19.66 26.73 6.46
CA ILE A 89 -18.91 25.74 5.69
C ILE A 89 -17.82 26.45 4.90
N ALA A 90 -16.68 25.80 4.73
CA ALA A 90 -15.58 26.34 3.96
C ALA A 90 -15.76 26.03 2.48
N ARG A 91 -15.28 26.93 1.63
CA ARG A 91 -15.45 26.78 0.19
C ARG A 91 -14.87 25.45 -0.29
N GLU A 92 -13.77 25.01 0.33
CA GLU A 92 -13.13 23.77 -0.10
C GLU A 92 -14.03 22.57 0.17
N ASP A 93 -14.86 22.62 1.22
CA ASP A 93 -15.80 21.53 1.48
C ASP A 93 -16.95 21.51 0.49
N ILE A 94 -17.24 22.64 -0.16
CA ILE A 94 -18.21 22.63 -1.24
C ILE A 94 -17.59 22.07 -2.52
N GLU A 95 -16.32 22.42 -2.78
CA GLU A 95 -15.69 22.02 -4.02
C GLU A 95 -15.25 20.56 -4.03
N VAL A 96 -15.08 19.94 -2.87
CA VAL A 96 -14.77 18.50 -2.86
C VAL A 96 -15.94 17.70 -3.42
N GLN A 97 -17.16 18.25 -3.36
CA GLN A 97 -18.31 17.56 -3.91
C GLN A 97 -18.28 17.49 -5.45
N ARG A 98 -17.41 18.27 -6.09
CA ARG A 98 -17.26 18.15 -7.54
C ARG A 98 -16.72 16.80 -7.97
N PHE A 99 -16.31 15.96 -7.02
CA PHE A 99 -15.81 14.63 -7.32
C PHE A 99 -16.90 13.59 -7.47
N VAL A 100 -18.16 13.94 -7.19
CA VAL A 100 -19.28 13.04 -7.49
C VAL A 100 -19.97 13.52 -8.76
N MET A 101 -20.50 12.54 -9.50
CA MET A 101 -21.13 12.79 -10.80
C MET A 101 -22.17 13.90 -10.76
N LEU A 102 -22.93 13.98 -9.67
CA LEU A 102 -24.02 14.95 -9.56
C LEU A 102 -23.53 16.38 -9.76
N ASN A 103 -22.31 16.69 -9.35
CA ASN A 103 -21.79 18.04 -9.40
C ASN A 103 -20.75 18.22 -10.51
N MET A 104 -20.86 17.47 -11.60
CA MET A 104 -19.97 17.62 -12.74
C MET A 104 -20.73 18.12 -13.95
N ASP A 105 -19.99 18.77 -14.84
CA ASP A 105 -20.46 19.16 -16.15
C ASP A 105 -19.79 18.30 -17.21
N ALA A 106 -20.39 18.31 -18.40
CA ALA A 106 -19.76 17.69 -19.56
C ALA A 106 -18.42 18.37 -19.84
N PRO A 107 -17.42 17.63 -20.37
CA PRO A 107 -17.49 16.23 -20.78
C PRO A 107 -17.21 15.24 -19.65
N HIS A 108 -16.69 15.70 -18.52
CA HIS A 108 -16.41 14.79 -17.40
C HIS A 108 -17.67 14.04 -16.98
N HIS A 109 -18.79 14.76 -16.85
CA HIS A 109 -20.04 14.10 -16.49
C HIS A 109 -20.47 13.10 -17.56
N THR A 110 -20.31 13.47 -18.83
CA THR A 110 -20.74 12.59 -19.91
C THR A 110 -19.99 11.26 -19.87
N ARG A 111 -18.68 11.31 -19.62
CA ARG A 111 -17.89 10.08 -19.51
C ARG A 111 -18.38 9.22 -18.36
N LEU A 112 -18.46 9.79 -17.15
CA LEU A 112 -18.85 9.02 -15.98
C LEU A 112 -20.25 8.45 -16.12
N ARG A 113 -21.18 9.25 -16.65
CA ARG A 113 -22.56 8.78 -16.78
C ARG A 113 -22.65 7.58 -17.71
N LYS A 114 -21.90 7.59 -18.80
CA LYS A 114 -21.89 6.44 -19.71
C LYS A 114 -21.40 5.19 -19.00
N ILE A 115 -20.33 5.31 -18.20
CA ILE A 115 -19.82 4.13 -17.49
C ILE A 115 -20.81 3.66 -16.44
N ILE A 116 -21.33 4.59 -15.63
CA ILE A 116 -22.25 4.23 -14.56
C ILE A 116 -23.57 3.69 -15.10
N SER A 117 -23.95 4.07 -16.32
CA SER A 117 -25.18 3.55 -16.93
C SER A 117 -25.15 2.04 -17.08
N ARG A 118 -23.97 1.42 -17.06
CA ARG A 118 -23.89 -0.03 -17.21
C ARG A 118 -24.41 -0.75 -15.97
N GLY A 119 -24.54 -0.04 -14.85
CA GLY A 119 -25.09 -0.59 -13.62
C GLY A 119 -26.53 -0.25 -13.37
N PHE A 120 -27.17 0.49 -14.27
CA PHE A 120 -28.58 0.86 -14.11
C PHE A 120 -29.40 0.48 -15.34
N THR A 121 -28.93 -0.49 -16.11
CA THR A 121 -29.71 -1.01 -17.21
C THR A 121 -31.03 -1.58 -16.65
N PRO A 122 -32.07 -1.62 -17.48
CA PRO A 122 -33.32 -2.27 -17.04
C PRO A 122 -33.10 -3.70 -16.56
N ARG A 123 -32.16 -4.42 -17.19
CA ARG A 123 -31.87 -5.79 -16.77
C ARG A 123 -31.27 -5.81 -15.37
N ALA A 124 -30.31 -4.93 -15.09
CA ALA A 124 -29.68 -4.92 -13.78
C ALA A 124 -30.68 -4.57 -12.68
N VAL A 125 -31.52 -3.56 -12.93
CA VAL A 125 -32.50 -3.14 -11.94
C VAL A 125 -33.56 -4.22 -11.77
N GLY A 126 -34.07 -4.76 -12.87
CA GLY A 126 -35.10 -5.78 -12.79
C GLY A 126 -34.62 -7.03 -12.07
N ARG A 127 -33.30 -7.28 -12.11
CA ARG A 127 -32.74 -8.44 -11.43
C ARG A 127 -32.87 -8.35 -9.92
N LEU A 128 -33.07 -7.14 -9.39
CA LEU A 128 -33.27 -6.93 -7.96
C LEU A 128 -34.72 -7.11 -7.52
N HIS A 129 -35.63 -7.33 -8.48
CA HIS A 129 -37.06 -7.32 -8.17
C HIS A 129 -37.42 -8.37 -7.11
N ASP A 130 -37.02 -9.62 -7.35
CA ASP A 130 -37.49 -10.72 -6.50
C ASP A 130 -37.00 -10.57 -5.07
N GLU A 131 -35.70 -10.32 -4.89
CA GLU A 131 -35.16 -10.18 -3.54
C GLU A 131 -35.76 -8.97 -2.82
N LEU A 132 -35.97 -7.87 -3.56
CA LEU A 132 -36.54 -6.68 -2.93
C LEU A 132 -38.00 -6.90 -2.56
N GLN A 133 -38.73 -7.66 -3.39
CA GLN A 133 -40.10 -8.02 -3.04
C GLN A 133 -40.14 -8.89 -1.79
N GLU A 134 -39.25 -9.89 -1.73
CA GLU A 134 -39.14 -10.71 -0.54
C GLU A 134 -38.93 -9.87 0.70
N ARG A 135 -37.95 -8.97 0.65
CA ARG A 135 -37.62 -8.20 1.85
C ARG A 135 -38.69 -7.16 2.17
N ALA A 136 -39.36 -6.63 1.15
CA ALA A 136 -40.49 -5.74 1.41
C ALA A 136 -41.58 -6.48 2.20
N GLN A 137 -41.88 -7.73 1.83
CA GLN A 137 -42.90 -8.48 2.54
C GLN A 137 -42.46 -8.79 3.97
N LYS A 138 -41.16 -9.05 4.17
CA LYS A 138 -40.67 -9.35 5.51
C LYS A 138 -40.70 -8.11 6.40
N ILE A 139 -40.34 -6.95 5.84
CA ILE A 139 -40.33 -5.72 6.63
C ILE A 139 -41.74 -5.37 7.11
N ALA A 140 -42.73 -5.49 6.22
CA ALA A 140 -44.09 -5.15 6.59
C ALA A 140 -44.64 -6.12 7.61
N ALA A 141 -44.28 -7.41 7.51
CA ALA A 141 -44.77 -8.39 8.47
C ALA A 141 -44.13 -8.18 9.85
N GLU A 142 -42.83 -7.89 9.89
CA GLU A 142 -42.17 -7.58 11.15
C GLU A 142 -42.80 -6.37 11.82
N ALA A 143 -43.10 -5.33 11.03
CA ALA A 143 -43.68 -4.12 11.60
C ALA A 143 -45.10 -4.39 12.12
N ALA A 144 -45.92 -5.05 11.30
CA ALA A 144 -47.28 -5.36 11.71
C ALA A 144 -47.31 -6.18 13.00
N ALA A 145 -46.32 -7.06 13.18
CA ALA A 145 -46.26 -7.87 14.40
C ALA A 145 -45.98 -7.00 15.63
N ALA A 146 -45.26 -5.89 15.47
CA ALA A 146 -45.03 -4.99 16.59
C ALA A 146 -46.28 -4.23 17.00
N GLY A 147 -47.34 -4.28 16.20
CA GLY A 147 -48.59 -3.58 16.54
C GLY A 147 -48.57 -2.08 16.37
N SER A 148 -47.53 -1.41 16.87
CA SER A 148 -47.43 0.04 16.76
C SER A 148 -45.95 0.41 16.84
N GLY A 149 -45.61 1.55 16.26
CA GLY A 149 -44.24 2.01 16.29
C GLY A 149 -44.00 3.15 15.31
N ASP A 150 -42.72 3.33 14.99
CA ASP A 150 -42.26 4.43 14.14
C ASP A 150 -42.25 3.96 12.68
N PHE A 151 -43.22 4.46 11.89
CA PHE A 151 -43.32 4.05 10.49
C PHE A 151 -42.04 4.37 9.73
N VAL A 152 -41.40 5.50 10.04
CA VAL A 152 -40.19 5.87 9.33
C VAL A 152 -39.12 4.80 9.49
N GLU A 153 -38.93 4.33 10.72
CA GLU A 153 -37.87 3.40 11.05
C GLU A 153 -38.26 1.94 10.80
N GLN A 154 -39.53 1.59 10.99
CA GLN A 154 -39.94 0.20 10.87
C GLN A 154 -40.44 -0.17 9.49
N VAL A 155 -40.77 0.81 8.65
CA VAL A 155 -41.32 0.52 7.32
C VAL A 155 -40.49 1.18 6.22
N SER A 156 -40.13 2.45 6.41
CA SER A 156 -39.57 3.25 5.33
C SER A 156 -38.06 3.09 5.15
N CYS A 157 -37.31 2.84 6.23
CA CYS A 157 -35.86 2.99 6.18
C CYS A 157 -35.16 1.86 5.42
N GLU A 158 -35.56 0.61 5.64
CA GLU A 158 -34.69 -0.51 5.30
C GLU A 158 -34.64 -0.79 3.80
N LEU A 159 -35.81 -0.86 3.15
CA LEU A 159 -35.83 -1.28 1.74
C LEU A 159 -34.98 -0.41 0.83
N PRO A 160 -34.98 0.93 0.92
CA PRO A 160 -34.07 1.70 0.06
C PRO A 160 -32.60 1.33 0.27
N LEU A 161 -32.20 1.09 1.51
CA LEU A 161 -30.82 0.70 1.79
C LEU A 161 -30.52 -0.69 1.23
N GLN A 162 -31.47 -1.61 1.33
CA GLN A 162 -31.27 -2.94 0.77
C GLN A 162 -31.20 -2.91 -0.75
N ALA A 163 -31.87 -1.94 -1.38
CA ALA A 163 -31.74 -1.76 -2.83
C ALA A 163 -30.31 -1.38 -3.20
N ILE A 164 -29.73 -0.43 -2.46
CA ILE A 164 -28.34 -0.02 -2.73
C ILE A 164 -27.40 -1.20 -2.50
N ALA A 165 -27.62 -1.95 -1.41
CA ALA A 165 -26.75 -3.07 -1.11
C ALA A 165 -26.84 -4.16 -2.17
N GLY A 166 -28.05 -4.47 -2.63
CA GLY A 166 -28.20 -5.48 -3.67
C GLY A 166 -27.61 -5.06 -4.99
N LEU A 167 -27.80 -3.79 -5.37
CA LEU A 167 -27.19 -3.27 -6.59
C LEU A 167 -25.68 -3.43 -6.56
N LEU A 168 -25.06 -3.10 -5.43
CA LEU A 168 -23.61 -3.15 -5.31
C LEU A 168 -23.08 -4.53 -4.95
N GLY A 169 -23.95 -5.50 -4.68
CA GLY A 169 -23.48 -6.81 -4.25
C GLY A 169 -22.72 -6.78 -2.95
N VAL A 170 -23.19 -6.01 -1.98
CA VAL A 170 -22.54 -5.92 -0.68
C VAL A 170 -22.91 -7.14 0.15
N PRO A 171 -21.95 -7.83 0.76
CA PRO A 171 -22.29 -9.01 1.58
C PRO A 171 -23.10 -8.60 2.79
N GLN A 172 -23.93 -9.55 3.25
CA GLN A 172 -24.88 -9.27 4.34
C GLN A 172 -24.16 -8.79 5.60
N GLU A 173 -22.98 -9.37 5.88
CA GLU A 173 -22.24 -8.98 7.08
C GLU A 173 -21.78 -7.54 7.03
N ASP A 174 -21.66 -6.95 5.83
CA ASP A 174 -21.20 -5.57 5.71
C ASP A 174 -22.33 -4.58 5.62
N ARG A 175 -23.55 -5.02 5.28
CA ARG A 175 -24.66 -4.09 5.09
C ARG A 175 -24.94 -3.27 6.34
N GLY A 176 -24.56 -3.78 7.52
CA GLY A 176 -24.75 -3.02 8.74
C GLY A 176 -23.97 -1.71 8.74
N LYS A 177 -22.67 -1.76 8.46
CA LYS A 177 -21.88 -0.53 8.51
C LYS A 177 -22.12 0.34 7.28
N LEU A 178 -22.42 -0.26 6.12
CA LEU A 178 -22.80 0.52 4.96
C LEU A 178 -24.01 1.40 5.27
N PHE A 179 -25.05 0.80 5.87
CA PHE A 179 -26.24 1.57 6.23
C PHE A 179 -25.91 2.65 7.23
N HIS A 180 -25.02 2.35 8.19
CA HIS A 180 -24.61 3.36 9.15
C HIS A 180 -23.95 4.54 8.48
N TRP A 181 -23.01 4.27 7.57
CA TRP A 181 -22.34 5.36 6.86
C TRP A 181 -23.33 6.19 6.05
N SER A 182 -24.30 5.53 5.41
CA SER A 182 -25.31 6.25 4.64
C SER A 182 -26.13 7.17 5.52
N ASN A 183 -26.61 6.65 6.65
CA ASN A 183 -27.42 7.47 7.55
C ASN A 183 -26.63 8.64 8.13
N GLU A 184 -25.30 8.53 8.20
CA GLU A 184 -24.46 9.60 8.72
C GLU A 184 -24.17 10.68 7.70
N MET A 185 -24.66 10.55 6.47
CA MET A 185 -24.31 11.51 5.43
C MET A 185 -25.16 12.77 5.50
N THR A 186 -26.43 12.64 5.84
CA THR A 186 -27.38 13.74 5.69
C THR A 186 -28.02 14.09 7.03
N GLY A 187 -28.48 15.34 7.13
CA GLY A 187 -29.23 15.79 8.27
C GLY A 187 -28.45 16.51 9.36
N ASN A 188 -27.15 16.77 9.15
CA ASN A 188 -26.30 17.32 10.20
C ASN A 188 -26.76 18.68 10.72
N GLU A 189 -27.78 19.29 10.11
CA GLU A 189 -28.31 20.57 10.56
C GLU A 189 -29.52 20.41 11.48
N ASP A 190 -30.09 19.22 11.57
CA ASP A 190 -31.10 18.97 12.57
C ASP A 190 -30.43 18.68 13.92
N PRO A 191 -30.95 19.23 15.01
CA PRO A 191 -30.32 18.99 16.33
C PRO A 191 -30.23 17.51 16.68
N GLU A 192 -31.18 16.69 16.20
CA GLU A 192 -31.14 15.26 16.49
C GLU A 192 -29.88 14.62 15.90
N TYR A 193 -29.35 15.16 14.81
CA TYR A 193 -28.18 14.61 14.15
C TYR A 193 -26.97 15.52 14.24
N ALA A 194 -26.92 16.36 15.29
CA ALA A 194 -25.84 17.33 15.42
C ALA A 194 -24.48 16.65 15.51
N HIS A 195 -24.42 15.41 16.00
CA HIS A 195 -23.16 14.75 16.25
C HIS A 195 -22.65 13.92 15.08
N ILE A 196 -23.39 13.84 13.98
CA ILE A 196 -22.92 13.05 12.84
C ILE A 196 -21.83 13.82 12.11
N ASP A 197 -20.87 13.10 11.55
CA ASP A 197 -19.74 13.67 10.82
C ASP A 197 -19.78 13.14 9.40
N PRO A 198 -20.46 13.85 8.48
CA PRO A 198 -20.53 13.36 7.09
C PRO A 198 -19.17 13.34 6.42
N LYS A 199 -18.28 14.28 6.76
CA LYS A 199 -16.91 14.24 6.27
C LYS A 199 -16.23 12.92 6.63
N ALA A 200 -16.30 12.54 7.91
CA ALA A 200 -15.68 11.28 8.34
C ALA A 200 -16.33 10.08 7.67
N SER A 201 -17.66 10.08 7.54
CA SER A 201 -18.35 8.94 6.92
C SER A 201 -17.98 8.83 5.44
N SER A 202 -17.98 9.96 4.72
CA SER A 202 -17.54 9.97 3.33
C SER A 202 -16.20 9.29 3.17
N ALA A 203 -15.23 9.67 4.02
CA ALA A 203 -13.90 9.07 3.94
C ALA A 203 -13.94 7.57 4.21
N GLU A 204 -14.71 7.14 5.21
CA GLU A 204 -14.82 5.71 5.49
C GLU A 204 -15.53 4.98 4.37
N LEU A 205 -16.57 5.60 3.79
CA LEU A 205 -17.29 4.98 2.69
C LEU A 205 -16.38 4.76 1.49
N ILE A 206 -15.62 5.79 1.12
CA ILE A 206 -14.70 5.67 -0.01
C ILE A 206 -13.65 4.60 0.26
N GLY A 207 -13.07 4.63 1.46
CA GLY A 207 -12.10 3.60 1.83
C GLY A 207 -12.68 2.20 1.71
N TYR A 208 -13.90 2.00 2.23
CA TYR A 208 -14.55 0.71 2.09
C TYR A 208 -14.77 0.38 0.62
N ALA A 209 -15.20 1.38 -0.17
CA ALA A 209 -15.50 1.12 -1.58
C ALA A 209 -14.24 0.82 -2.39
N MET A 210 -13.14 1.54 -2.14
CA MET A 210 -11.90 1.24 -2.84
C MET A 210 -11.43 -0.17 -2.53
N LYS A 211 -11.45 -0.54 -1.24
CA LYS A 211 -11.13 -1.92 -0.87
C LYS A 211 -12.03 -2.91 -1.59
N MET A 212 -13.31 -2.56 -1.76
CA MET A 212 -14.24 -3.44 -2.46
C MET A 212 -13.91 -3.50 -3.95
N ALA A 213 -13.50 -2.38 -4.54
CA ALA A 213 -13.16 -2.36 -5.95
C ALA A 213 -11.97 -3.25 -6.25
N GLU A 214 -10.88 -3.08 -5.49
CA GLU A 214 -9.71 -3.95 -5.62
C GLU A 214 -10.09 -5.42 -5.48
N GLU A 215 -10.88 -5.74 -4.45
CA GLU A 215 -11.30 -7.12 -4.24
C GLU A 215 -12.12 -7.65 -5.42
N LYS A 216 -13.05 -6.84 -5.93
CA LYS A 216 -13.94 -7.29 -6.97
C LYS A 216 -13.28 -7.39 -8.35
N ALA A 217 -12.10 -6.79 -8.52
CA ALA A 217 -11.35 -7.00 -9.75
C ALA A 217 -10.73 -8.38 -9.78
N LYS A 218 -10.26 -8.87 -8.64
CA LYS A 218 -9.67 -10.20 -8.56
C LYS A 218 -10.72 -11.28 -8.81
N ASN A 219 -11.94 -11.10 -8.30
CA ASN A 219 -12.98 -12.13 -8.35
C ASN A 219 -14.27 -11.55 -8.89
N PRO A 220 -14.39 -11.39 -10.21
CA PRO A 220 -15.62 -10.83 -10.77
C PRO A 220 -16.83 -11.74 -10.61
N ALA A 221 -18.02 -11.12 -10.72
CA ALA A 221 -19.30 -11.81 -10.87
C ALA A 221 -20.20 -11.05 -11.83
N ASP A 222 -21.52 -11.06 -11.57
CA ASP A 222 -22.45 -10.32 -12.42
C ASP A 222 -22.89 -8.99 -11.81
N ASP A 223 -22.73 -8.81 -10.50
CA ASP A 223 -23.05 -7.53 -9.87
C ASP A 223 -22.41 -6.38 -10.64
N ILE A 224 -23.05 -5.22 -10.60
CA ILE A 224 -22.65 -4.14 -11.49
C ILE A 224 -21.24 -3.65 -11.20
N VAL A 225 -20.70 -3.95 -10.03
CA VAL A 225 -19.38 -3.45 -9.65
C VAL A 225 -18.33 -3.88 -10.66
N THR A 226 -18.42 -5.12 -11.15
CA THR A 226 -17.48 -5.58 -12.16
C THR A 226 -17.68 -4.82 -13.47
N GLN A 227 -18.93 -4.61 -13.87
CA GLN A 227 -19.21 -3.83 -15.07
C GLN A 227 -18.57 -2.45 -15.00
N LEU A 228 -18.55 -1.85 -13.81
CA LEU A 228 -18.05 -0.49 -13.65
C LEU A 228 -16.53 -0.42 -13.73
N ILE A 229 -15.83 -1.39 -13.13
CA ILE A 229 -14.37 -1.35 -13.07
C ILE A 229 -13.72 -2.16 -14.18
N GLN A 230 -14.50 -2.79 -15.05
CA GLN A 230 -13.94 -3.48 -16.21
C GLN A 230 -13.93 -2.53 -17.40
N ALA A 231 -12.76 -2.40 -18.02
CA ALA A 231 -12.63 -1.49 -19.14
C ALA A 231 -13.38 -2.01 -20.36
N ASP A 232 -13.83 -1.09 -21.20
CA ASP A 232 -14.50 -1.40 -22.45
C ASP A 232 -13.47 -1.36 -23.59
N ILE A 233 -13.96 -1.30 -24.83
CA ILE A 233 -13.06 -1.21 -25.98
C ILE A 233 -12.24 0.06 -25.92
N ASP A 234 -12.84 1.16 -25.45
CA ASP A 234 -12.13 2.43 -25.29
C ASP A 234 -11.26 2.46 -24.04
N GLY A 235 -11.27 1.41 -23.23
CA GLY A 235 -10.55 1.43 -21.97
C GLY A 235 -11.18 2.26 -20.89
N GLU A 236 -12.46 2.61 -21.05
CA GLU A 236 -13.15 3.46 -20.08
C GLU A 236 -13.70 2.62 -18.95
N LYS A 237 -13.47 3.07 -17.72
CA LYS A 237 -13.91 2.37 -16.53
C LYS A 237 -13.71 3.30 -15.34
N LEU A 238 -14.34 2.96 -14.23
CA LEU A 238 -14.19 3.73 -13.00
C LEU A 238 -12.89 3.34 -12.31
N SER A 239 -12.04 4.33 -12.06
CA SER A 239 -10.92 4.10 -11.15
C SER A 239 -11.46 3.66 -9.79
N ASP A 240 -10.54 3.20 -8.94
CA ASP A 240 -10.96 2.79 -7.60
C ASP A 240 -11.54 3.96 -6.82
N ASP A 241 -10.87 5.11 -6.87
CA ASP A 241 -11.39 6.28 -6.17
C ASP A 241 -12.67 6.80 -6.83
N GLU A 242 -12.82 6.62 -8.14
CA GLU A 242 -14.07 6.97 -8.80
C GLU A 242 -15.21 6.09 -8.33
N PHE A 243 -14.97 4.77 -8.23
CA PHE A 243 -15.98 3.89 -7.65
C PHE A 243 -16.33 4.32 -6.23
N GLY A 244 -15.33 4.78 -5.47
CA GLY A 244 -15.59 5.23 -4.12
C GLY A 244 -16.50 6.43 -4.08
N PHE A 245 -16.26 7.41 -4.96
CA PHE A 245 -17.11 8.58 -5.00
C PHE A 245 -18.50 8.25 -5.55
N PHE A 246 -18.59 7.26 -6.43
CA PHE A 246 -19.90 6.82 -6.88
C PHE A 246 -20.69 6.17 -5.74
N VAL A 247 -20.02 5.36 -4.93
CA VAL A 247 -20.71 4.70 -3.82
C VAL A 247 -21.19 5.74 -2.80
N VAL A 248 -20.36 6.75 -2.52
CA VAL A 248 -20.81 7.82 -1.64
C VAL A 248 -22.03 8.50 -2.21
N MET A 249 -22.07 8.66 -3.54
CA MET A 249 -23.25 9.24 -4.16
C MET A 249 -24.48 8.35 -3.97
N LEU A 250 -24.32 7.04 -4.16
CA LEU A 250 -25.46 6.14 -3.98
C LEU A 250 -25.96 6.15 -2.55
N ALA A 251 -25.05 6.16 -1.58
CA ALA A 251 -25.43 6.15 -0.18
C ALA A 251 -26.34 7.33 0.15
N VAL A 252 -26.12 8.46 -0.50
CA VAL A 252 -27.00 9.61 -0.30
C VAL A 252 -28.19 9.58 -1.25
N ALA A 253 -27.91 9.39 -2.55
CA ALA A 253 -28.91 9.56 -3.60
C ALA A 253 -30.12 8.67 -3.40
N GLY A 254 -29.94 7.45 -2.92
CA GLY A 254 -31.00 6.48 -2.94
C GLY A 254 -31.52 6.11 -1.58
N ASN A 255 -31.01 6.79 -0.54
CA ASN A 255 -31.39 6.44 0.82
C ASN A 255 -32.58 7.28 1.28
N GLU A 256 -32.29 8.50 1.78
CA GLU A 256 -33.34 9.35 2.33
C GLU A 256 -34.34 9.82 1.28
N THR A 257 -33.97 9.82 0.00
CA THR A 257 -34.92 10.17 -1.04
C THR A 257 -36.09 9.18 -1.06
N THR A 258 -35.80 7.91 -1.31
CA THR A 258 -36.87 6.91 -1.39
C THR A 258 -37.58 6.76 -0.06
N ARG A 259 -36.82 6.78 1.04
CA ARG A 259 -37.42 6.71 2.38
C ARG A 259 -38.49 7.76 2.58
N ASN A 260 -38.16 9.03 2.32
CA ASN A 260 -39.14 10.09 2.54
C ASN A 260 -40.29 10.02 1.55
N SER A 261 -40.04 9.50 0.35
CA SER A 261 -41.15 9.21 -0.54
C SER A 261 -42.09 8.16 0.05
N ILE A 262 -41.54 7.12 0.68
CA ILE A 262 -42.39 6.10 1.31
C ILE A 262 -43.18 6.71 2.46
N THR A 263 -42.50 7.41 3.37
CA THR A 263 -43.16 7.97 4.55
C THR A 263 -44.26 8.95 4.15
N GLN A 264 -43.95 9.88 3.25
CA GLN A 264 -44.93 10.88 2.88
C GLN A 264 -46.00 10.34 1.94
N GLY A 265 -45.72 9.24 1.24
CA GLY A 265 -46.79 8.55 0.52
C GLY A 265 -47.85 8.03 1.46
N MET A 266 -47.42 7.38 2.55
CA MET A 266 -48.37 6.84 3.52
C MET A 266 -49.11 7.96 4.23
N MET A 267 -48.41 9.06 4.53
CA MET A 267 -49.07 10.24 5.07
C MET A 267 -50.19 10.72 4.16
N ALA A 268 -49.97 10.72 2.85
CA ALA A 268 -51.01 11.12 1.92
C ALA A 268 -52.15 10.12 1.93
N PHE A 269 -51.83 8.82 1.97
CA PHE A 269 -52.88 7.80 2.01
C PHE A 269 -53.73 7.96 3.26
N ALA A 270 -53.11 8.24 4.40
CA ALA A 270 -53.88 8.49 5.62
C ALA A 270 -54.76 9.72 5.47
N GLU A 271 -54.32 10.72 4.70
CA GLU A 271 -55.09 11.93 4.49
C GLU A 271 -56.18 11.76 3.45
N HIS A 272 -56.10 10.73 2.61
CA HIS A 272 -57.03 10.54 1.49
C HIS A 272 -57.48 9.09 1.48
N PRO A 273 -58.32 8.70 2.43
CA PRO A 273 -58.70 7.27 2.54
C PRO A 273 -59.30 6.68 1.28
N ASP A 274 -59.99 7.48 0.47
CA ASP A 274 -60.49 6.99 -0.81
C ASP A 274 -59.36 6.47 -1.67
N GLN A 275 -58.22 7.17 -1.68
CA GLN A 275 -57.09 6.72 -2.47
C GLN A 275 -56.47 5.45 -1.89
N TRP A 276 -56.42 5.35 -0.56
CA TRP A 276 -55.90 4.14 0.08
C TRP A 276 -56.76 2.92 -0.26
N GLU A 277 -58.08 3.07 -0.15
CA GLU A 277 -58.98 1.99 -0.52
C GLU A 277 -58.82 1.63 -1.99
N LEU A 278 -58.70 2.63 -2.86
CA LEU A 278 -58.47 2.35 -4.27
C LEU A 278 -57.15 1.64 -4.49
N TYR A 279 -56.10 2.07 -3.76
CA TYR A 279 -54.80 1.42 -3.95
C TYR A 279 -54.84 -0.04 -3.53
N LYS A 280 -55.43 -0.32 -2.37
CA LYS A 280 -55.45 -1.70 -1.89
C LYS A 280 -56.19 -2.61 -2.85
N LYS A 281 -57.20 -2.10 -3.57
CA LYS A 281 -57.97 -2.94 -4.48
C LYS A 281 -57.27 -3.13 -5.82
N VAL A 282 -56.71 -2.06 -6.39
CA VAL A 282 -56.18 -2.13 -7.75
C VAL A 282 -54.66 -2.31 -7.74
N ARG A 283 -54.00 -1.79 -6.69
CA ARG A 283 -52.54 -1.76 -6.61
C ARG A 283 -51.92 -1.07 -7.83
N PRO A 284 -52.35 0.13 -8.20
CA PRO A 284 -51.86 0.72 -9.46
C PRO A 284 -50.43 1.22 -9.30
N GLU A 285 -49.56 0.82 -10.23
CA GLU A 285 -48.17 1.26 -10.14
C GLU A 285 -47.98 2.72 -10.52
N THR A 286 -48.99 3.35 -11.12
CA THR A 286 -48.96 4.81 -11.28
C THR A 286 -48.92 5.51 -9.93
N ALA A 287 -49.30 4.83 -8.85
CA ALA A 287 -49.27 5.44 -7.52
C ALA A 287 -47.86 5.89 -7.14
N ALA A 288 -46.83 5.17 -7.59
CA ALA A 288 -45.47 5.53 -7.23
C ALA A 288 -45.11 6.93 -7.70
N ASP A 289 -45.48 7.27 -8.93
CA ASP A 289 -45.13 8.59 -9.43
C ASP A 289 -45.91 9.68 -8.71
N GLU A 290 -47.18 9.42 -8.37
CA GLU A 290 -47.94 10.40 -7.62
C GLU A 290 -47.40 10.55 -6.20
N ILE A 291 -46.90 9.46 -5.63
CA ILE A 291 -46.28 9.54 -4.31
C ILE A 291 -45.01 10.39 -4.38
N VAL A 292 -44.20 10.22 -5.43
CA VAL A 292 -42.99 11.02 -5.56
C VAL A 292 -43.32 12.48 -5.82
N ARG A 293 -44.31 12.74 -6.67
CA ARG A 293 -44.77 14.12 -6.89
C ARG A 293 -45.27 14.75 -5.60
N TRP A 294 -46.08 14.00 -4.86
CA TRP A 294 -46.60 14.49 -3.58
C TRP A 294 -45.48 14.68 -2.57
N ALA A 295 -44.54 13.74 -2.52
CA ALA A 295 -43.50 13.76 -1.48
C ALA A 295 -42.38 14.75 -1.81
N THR A 296 -42.00 14.85 -3.10
CA THR A 296 -40.87 15.65 -3.60
C THR A 296 -39.73 15.61 -2.59
N PRO A 297 -39.06 14.46 -2.43
CA PRO A 297 -38.05 14.33 -1.36
C PRO A 297 -36.93 15.35 -1.48
N VAL A 298 -36.49 15.65 -2.69
CA VAL A 298 -35.56 16.74 -2.93
C VAL A 298 -36.38 18.00 -3.19
N THR A 299 -36.44 18.89 -2.19
CA THR A 299 -37.16 20.14 -2.34
C THR A 299 -36.57 20.99 -3.47
N ALA A 300 -35.23 21.00 -3.59
CA ALA A 300 -34.63 21.93 -4.52
C ALA A 300 -33.18 21.56 -4.82
N PHE A 301 -32.78 21.75 -6.08
CA PHE A 301 -31.38 21.73 -6.50
C PHE A 301 -31.09 23.01 -7.26
N GLN A 302 -29.82 23.44 -7.26
CA GLN A 302 -29.44 24.70 -7.89
C GLN A 302 -28.56 24.46 -9.11
N ARG A 303 -28.43 25.51 -9.92
CA ARG A 303 -27.46 25.60 -11.00
C ARG A 303 -26.86 27.00 -11.00
N THR A 304 -25.73 27.15 -11.71
CA THR A 304 -25.05 28.43 -11.84
C THR A 304 -24.89 28.76 -13.32
N ALA A 305 -25.27 29.98 -13.70
CA ALA A 305 -25.19 30.39 -15.10
C ALA A 305 -23.76 30.66 -15.50
N LEU A 306 -23.32 30.03 -16.59
CA LEU A 306 -22.00 30.28 -17.17
C LEU A 306 -22.00 31.47 -18.12
N ARG A 307 -23.17 32.03 -18.43
CA ARG A 307 -23.29 33.20 -19.29
C ARG A 307 -24.65 33.82 -19.05
N ASP A 308 -24.80 35.08 -19.48
CA ASP A 308 -26.10 35.73 -19.45
C ASP A 308 -27.12 34.89 -20.19
N TYR A 309 -28.33 34.79 -19.63
CA TYR A 309 -29.36 33.96 -20.21
C TYR A 309 -30.72 34.56 -19.84
N GLU A 310 -31.60 34.69 -20.82
CA GLU A 310 -32.94 35.21 -20.59
C GLU A 310 -33.91 34.05 -20.45
N LEU A 311 -34.59 33.99 -19.30
CA LEU A 311 -35.51 32.91 -18.98
C LEU A 311 -36.87 33.48 -18.62
N SER A 312 -37.86 33.18 -19.46
CA SER A 312 -39.24 33.60 -19.22
C SER A 312 -39.32 35.10 -18.91
N GLY A 313 -38.61 35.89 -19.72
CA GLY A 313 -38.62 37.33 -19.58
C GLY A 313 -37.71 37.89 -18.50
N VAL A 314 -36.97 37.07 -17.78
CA VAL A 314 -36.09 37.50 -16.70
C VAL A 314 -34.65 37.30 -17.13
N GLN A 315 -33.82 38.33 -16.95
CA GLN A 315 -32.42 38.30 -17.37
C GLN A 315 -31.58 37.68 -16.26
N ILE A 316 -31.13 36.45 -16.49
N ILE A 316 -31.14 36.44 -16.48
CA ILE A 316 -30.20 35.79 -15.58
CA ILE A 316 -30.19 35.78 -15.59
C ILE A 316 -28.78 36.17 -15.99
C ILE A 316 -28.78 36.20 -16.00
N LYS A 317 -28.01 36.68 -15.04
CA LYS A 317 -26.66 37.16 -15.30
C LYS A 317 -25.63 36.06 -15.03
N LYS A 318 -24.59 36.05 -15.85
CA LYS A 318 -23.46 35.14 -15.67
C LYS A 318 -22.98 35.13 -14.23
N GLY A 319 -22.79 33.92 -13.69
CA GLY A 319 -22.34 33.76 -12.32
C GLY A 319 -23.43 33.62 -11.28
N GLN A 320 -24.67 34.02 -11.60
CA GLN A 320 -25.75 33.95 -10.63
C GLN A 320 -26.25 32.52 -10.47
N ARG A 321 -26.77 32.22 -9.27
CA ARG A 321 -27.36 30.92 -8.98
C ARG A 321 -28.86 30.94 -9.24
N VAL A 322 -29.37 29.86 -9.81
CA VAL A 322 -30.81 29.62 -9.91
C VAL A 322 -31.11 28.37 -9.09
N VAL A 323 -32.17 28.44 -8.28
CA VAL A 323 -32.57 27.31 -7.44
C VAL A 323 -33.91 26.79 -7.96
N MET A 324 -33.91 25.53 -8.39
CA MET A 324 -35.11 24.91 -8.95
C MET A 324 -35.91 24.28 -7.81
N PHE A 325 -37.03 24.90 -7.46
CA PHE A 325 -37.86 24.37 -6.37
C PHE A 325 -38.82 23.33 -6.97
N TYR A 326 -38.35 22.08 -6.97
CA TYR A 326 -39.19 20.97 -7.42
C TYR A 326 -40.50 20.91 -6.65
N ARG A 327 -40.48 21.26 -5.36
CA ARG A 327 -41.68 21.26 -4.55
C ARG A 327 -42.72 22.25 -5.07
N SER A 328 -42.28 23.36 -5.66
CA SER A 328 -43.25 24.27 -6.26
C SER A 328 -43.70 23.79 -7.63
N ALA A 329 -42.76 23.35 -8.46
CA ALA A 329 -43.08 22.93 -9.82
C ALA A 329 -44.00 21.72 -9.84
N ASN A 330 -43.86 20.81 -8.87
CA ASN A 330 -44.70 19.62 -8.86
C ASN A 330 -46.15 19.92 -8.49
N PHE A 331 -46.48 21.18 -8.21
CA PHE A 331 -47.85 21.61 -7.93
C PHE A 331 -48.23 22.79 -8.82
N ASP A 332 -47.60 22.87 -9.99
CA ASP A 332 -47.83 23.98 -10.92
C ASP A 332 -49.19 23.82 -11.58
N GLU A 333 -50.06 24.83 -11.39
CA GLU A 333 -51.42 24.75 -11.89
C GLU A 333 -51.47 24.64 -13.41
N GLU A 334 -50.50 25.25 -14.10
CA GLU A 334 -50.52 25.23 -15.56
C GLU A 334 -50.23 23.86 -16.15
N VAL A 335 -49.58 22.97 -15.38
CA VAL A 335 -49.17 21.68 -15.89
C VAL A 335 -50.08 20.56 -15.38
N PHE A 336 -50.53 20.64 -14.13
CA PHE A 336 -51.31 19.59 -13.52
C PHE A 336 -52.78 20.00 -13.40
N GLN A 337 -53.66 19.07 -13.70
CA GLN A 337 -55.09 19.24 -13.41
C GLN A 337 -55.31 18.90 -11.94
N ASP A 338 -55.70 19.91 -11.17
CA ASP A 338 -55.91 19.78 -9.73
C ASP A 338 -54.61 19.33 -9.05
N PRO A 339 -53.54 20.15 -9.10
CA PRO A 339 -52.27 19.71 -8.49
C PRO A 339 -52.38 19.32 -7.04
N PHE A 340 -53.32 19.93 -6.31
CA PHE A 340 -53.48 19.67 -4.89
C PHE A 340 -54.48 18.55 -4.61
N THR A 341 -54.80 17.74 -5.62
CA THR A 341 -55.55 16.51 -5.42
C THR A 341 -54.58 15.33 -5.54
N PHE A 342 -54.49 14.54 -4.47
CA PHE A 342 -53.70 13.32 -4.47
C PHE A 342 -54.46 12.25 -5.27
N ASN A 343 -53.91 11.83 -6.42
CA ASN A 343 -54.63 10.96 -7.36
C ASN A 343 -53.63 9.93 -7.90
N ILE A 344 -53.68 8.71 -7.36
CA ILE A 344 -52.72 7.67 -7.66
C ILE A 344 -52.89 7.12 -9.08
N LEU A 345 -53.90 7.61 -9.80
CA LEU A 345 -54.11 7.20 -11.18
C LEU A 345 -53.64 8.24 -12.19
N ARG A 346 -53.18 9.40 -11.72
CA ARG A 346 -52.69 10.48 -12.58
C ARG A 346 -51.79 9.91 -13.68
N ASN A 347 -52.14 10.20 -14.92
CA ASN A 347 -51.48 9.58 -16.06
C ASN A 347 -51.84 10.36 -17.31
N PRO A 348 -50.87 10.95 -18.02
CA PRO A 348 -49.45 10.98 -17.66
C PRO A 348 -49.17 11.85 -16.43
N ASN A 349 -48.00 11.66 -15.80
CA ASN A 349 -47.62 12.39 -14.59
C ASN A 349 -46.22 12.96 -14.84
N PRO A 350 -46.13 14.15 -15.42
CA PRO A 350 -44.83 14.74 -15.77
C PRO A 350 -44.17 15.51 -14.64
N HIS A 351 -44.16 14.93 -13.44
CA HIS A 351 -43.58 15.61 -12.29
C HIS A 351 -42.06 15.70 -12.44
N VAL A 352 -41.44 16.54 -11.61
CA VAL A 352 -39.99 16.72 -11.65
C VAL A 352 -39.40 16.30 -10.33
N GLY A 353 -40.05 15.34 -9.65
CA GLY A 353 -39.49 14.79 -8.42
C GLY A 353 -38.13 14.16 -8.64
N PHE A 354 -37.89 13.60 -9.83
CA PHE A 354 -36.60 13.07 -10.23
C PHE A 354 -35.78 14.09 -11.01
N GLY A 355 -36.16 15.36 -10.97
CA GLY A 355 -35.49 16.41 -11.72
C GLY A 355 -36.18 16.70 -13.03
N GLY A 356 -35.68 17.72 -13.71
CA GLY A 356 -36.11 18.02 -15.06
C GLY A 356 -35.34 17.17 -16.05
N THR A 357 -36.01 16.78 -17.14
CA THR A 357 -35.36 16.03 -18.20
C THR A 357 -34.07 16.70 -18.63
N GLY A 358 -33.01 15.92 -18.71
CA GLY A 358 -31.71 16.45 -19.07
C GLY A 358 -30.59 15.50 -18.68
N ALA A 359 -29.38 16.02 -18.76
CA ALA A 359 -28.19 15.18 -18.60
C ALA A 359 -28.11 14.54 -17.22
N HIS A 360 -28.65 15.19 -16.20
CA HIS A 360 -28.51 14.73 -14.82
C HIS A 360 -29.73 14.00 -14.29
N TYR A 361 -30.72 13.71 -15.15
CA TYR A 361 -31.95 13.07 -14.72
C TYR A 361 -31.65 11.82 -13.89
N CYS A 362 -32.39 11.67 -12.79
CA CYS A 362 -32.09 10.64 -11.81
C CYS A 362 -31.95 9.27 -12.46
N ILE A 363 -30.74 8.71 -12.37
CA ILE A 363 -30.47 7.42 -12.99
C ILE A 363 -31.15 6.30 -12.22
N GLY A 364 -31.57 6.55 -10.97
CA GLY A 364 -32.22 5.53 -10.18
C GLY A 364 -33.73 5.64 -10.12
N ALA A 365 -34.32 6.41 -11.04
CA ALA A 365 -35.76 6.68 -10.98
C ALA A 365 -36.58 5.40 -10.98
N ASN A 366 -36.24 4.46 -11.86
CA ASN A 366 -37.04 3.23 -11.97
C ASN A 366 -36.75 2.27 -10.82
N LEU A 367 -35.51 2.20 -10.36
CA LEU A 367 -35.24 1.47 -9.12
C LEU A 367 -36.06 2.04 -7.96
N ALA A 368 -36.17 3.38 -7.90
CA ALA A 368 -36.96 4.01 -6.86
C ALA A 368 -38.45 3.67 -7.01
N ARG A 369 -38.96 3.72 -8.24
CA ARG A 369 -40.37 3.40 -8.47
C ARG A 369 -40.69 1.96 -8.11
N MET A 370 -39.79 1.04 -8.42
CA MET A 370 -39.98 -0.35 -8.03
C MET A 370 -39.96 -0.52 -6.51
N THR A 371 -39.03 0.15 -5.83
CA THR A 371 -38.96 0.08 -4.38
C THR A 371 -40.26 0.56 -3.76
N ILE A 372 -40.77 1.69 -4.25
CA ILE A 372 -42.01 2.25 -3.72
C ILE A 372 -43.18 1.31 -3.96
N ASN A 373 -43.28 0.75 -5.18
CA ASN A 373 -44.40 -0.13 -5.49
C ASN A 373 -44.34 -1.40 -4.65
N LEU A 374 -43.15 -1.98 -4.48
CA LEU A 374 -43.03 -3.20 -3.70
C LEU A 374 -43.40 -2.98 -2.23
N ILE A 375 -42.94 -1.89 -1.63
CA ILE A 375 -43.20 -1.69 -0.20
C ILE A 375 -44.68 -1.39 0.06
N PHE A 376 -45.33 -0.63 -0.83
CA PHE A 376 -46.73 -0.30 -0.58
C PHE A 376 -47.64 -1.49 -0.84
N ASN A 377 -47.24 -2.39 -1.74
CA ASN A 377 -47.93 -3.68 -1.85
C ASN A 377 -47.80 -4.47 -0.56
N ALA A 378 -46.62 -4.44 0.07
CA ALA A 378 -46.44 -5.16 1.33
C ALA A 378 -47.19 -4.50 2.46
N VAL A 379 -47.20 -3.16 2.51
CA VAL A 379 -48.00 -2.46 3.51
C VAL A 379 -49.48 -2.77 3.34
N ALA A 380 -49.95 -2.82 2.10
CA ALA A 380 -51.35 -3.19 1.86
C ALA A 380 -51.62 -4.64 2.24
N ASP A 381 -50.64 -5.52 2.02
CA ASP A 381 -50.84 -6.93 2.31
C ASP A 381 -50.88 -7.22 3.82
N HIS A 382 -50.14 -6.44 4.62
CA HIS A 382 -49.87 -6.80 6.00
C HIS A 382 -50.45 -5.84 7.03
N MET A 383 -50.65 -4.58 6.69
CA MET A 383 -51.26 -3.65 7.62
C MET A 383 -52.25 -2.72 6.91
N PRO A 384 -53.29 -3.27 6.27
CA PRO A 384 -54.17 -2.42 5.45
C PRO A 384 -54.94 -1.38 6.24
N ASP A 385 -55.01 -1.50 7.57
CA ASP A 385 -55.78 -0.56 8.38
C ASP A 385 -54.90 0.26 9.31
N LEU A 386 -53.63 0.42 8.99
CA LEU A 386 -52.76 1.27 9.80
C LEU A 386 -53.34 2.68 9.88
N LYS A 387 -53.16 3.32 11.04
CA LYS A 387 -53.70 4.63 11.27
C LYS A 387 -52.66 5.43 12.04
N PRO A 388 -52.46 6.70 11.69
CA PRO A 388 -51.47 7.51 12.41
C PRO A 388 -51.85 7.66 13.88
N ILE A 389 -50.84 7.79 14.72
CA ILE A 389 -51.04 8.05 16.15
C ILE A 389 -50.80 9.52 16.47
N SER A 390 -49.77 10.13 15.88
CA SER A 390 -49.43 11.51 16.16
C SER A 390 -48.87 12.14 14.90
N ALA A 391 -48.57 13.42 14.98
CA ALA A 391 -48.08 14.15 13.82
C ALA A 391 -46.63 13.78 13.52
N PRO A 392 -46.24 13.81 12.25
CA PRO A 392 -44.83 13.53 11.91
C PRO A 392 -43.91 14.61 12.45
N GLU A 393 -42.66 14.23 12.67
CA GLU A 393 -41.60 15.17 13.01
C GLU A 393 -40.78 15.43 11.75
N ARG A 394 -40.73 16.69 11.33
CA ARG A 394 -40.05 17.03 10.08
C ARG A 394 -38.56 17.27 10.32
N LEU A 395 -37.79 17.13 9.24
CA LEU A 395 -36.36 17.28 9.30
C LEU A 395 -35.96 18.74 9.05
N ARG A 396 -35.02 19.23 9.85
CA ARG A 396 -34.47 20.58 9.66
C ARG A 396 -33.43 20.52 8.56
N SER A 397 -33.85 20.84 7.34
CA SER A 397 -32.97 20.85 6.18
C SER A 397 -33.46 21.89 5.19
N GLY A 398 -32.52 22.55 4.50
CA GLY A 398 -32.85 23.56 3.53
C GLY A 398 -33.03 23.08 2.09
N TRP A 399 -32.79 21.79 1.84
CA TRP A 399 -32.97 21.23 0.50
C TRP A 399 -33.60 19.85 0.50
N LEU A 400 -33.57 19.13 1.61
CA LEU A 400 -34.17 17.81 1.76
C LEU A 400 -35.49 17.93 2.51
N ASN A 401 -36.54 17.35 1.98
CA ASN A 401 -37.86 17.33 2.64
C ASN A 401 -37.99 15.98 3.35
N GLY A 402 -37.63 15.95 4.63
CA GLY A 402 -37.51 14.71 5.37
C GLY A 402 -38.48 14.58 6.53
N ILE A 403 -38.82 13.33 6.86
CA ILE A 403 -39.59 12.99 8.05
C ILE A 403 -38.69 12.16 8.95
N LYS A 404 -38.49 12.61 10.20
CA LYS A 404 -37.62 11.89 11.12
C LYS A 404 -38.37 10.75 11.82
N HIS A 405 -39.60 10.99 12.25
CA HIS A 405 -40.38 10.02 13.01
C HIS A 405 -41.86 10.22 12.71
N TRP A 406 -42.63 9.13 12.87
CA TRP A 406 -44.08 9.18 12.65
C TRP A 406 -44.69 7.94 13.30
N GLN A 407 -45.34 8.13 14.45
CA GLN A 407 -45.92 7.02 15.21
C GLN A 407 -47.23 6.55 14.58
N VAL A 408 -47.37 5.24 14.41
CA VAL A 408 -48.50 4.65 13.71
C VAL A 408 -48.96 3.41 14.46
N ASP A 409 -50.27 3.17 14.44
CA ASP A 409 -50.85 1.91 14.90
C ASP A 409 -51.08 1.05 13.66
N TYR A 410 -50.21 0.06 13.48
CA TYR A 410 -50.30 -0.80 12.31
C TYR A 410 -51.57 -1.65 12.32
N THR A 411 -52.20 -1.82 13.49
CA THR A 411 -53.39 -2.65 13.62
C THR A 411 -54.70 -1.86 13.58
N GLY A 412 -54.67 -0.55 13.83
CA GLY A 412 -55.88 0.24 13.77
C GLY A 412 -56.45 0.61 15.12
N ARG A 413 -56.66 -0.39 15.98
CA ARG A 413 -57.18 -0.17 17.32
C ARG A 413 -56.08 -0.25 18.37
N SER B 4 7.98 -20.11 23.20
CA SER B 4 9.07 -19.33 22.63
C SER B 4 8.79 -19.05 21.16
N PRO B 5 9.06 -17.81 20.73
CA PRO B 5 8.75 -17.42 19.35
C PRO B 5 9.61 -18.15 18.34
N ASN B 6 9.08 -18.28 17.13
CA ASN B 6 9.76 -18.99 16.04
C ASN B 6 10.70 -18.02 15.33
N LEU B 7 11.88 -17.84 15.91
CA LEU B 7 12.93 -16.98 15.39
C LEU B 7 14.23 -17.78 15.31
N PRO B 8 15.19 -17.33 14.50
CA PRO B 8 16.51 -17.97 14.53
C PRO B 8 17.19 -17.72 15.86
N PRO B 9 17.98 -18.68 16.35
CA PRO B 9 18.67 -18.49 17.63
C PRO B 9 19.59 -17.27 17.61
N GLY B 10 19.60 -16.53 18.72
CA GLY B 10 20.44 -15.37 18.86
C GLY B 10 19.94 -14.11 18.18
N PHE B 11 18.71 -14.12 17.66
CA PHE B 11 18.18 -12.97 16.93
C PHE B 11 18.17 -11.71 17.79
N ASP B 12 18.60 -10.60 17.20
CA ASP B 12 18.67 -9.32 17.91
C ASP B 12 17.97 -8.27 17.06
N PHE B 13 16.83 -7.77 17.55
CA PHE B 13 16.02 -6.82 16.80
C PHE B 13 16.65 -5.44 16.70
N THR B 14 17.75 -5.19 17.41
CA THR B 14 18.50 -3.95 17.26
C THR B 14 19.74 -4.10 16.39
N ASP B 15 19.96 -5.29 15.81
CA ASP B 15 21.12 -5.55 14.97
C ASP B 15 21.10 -4.64 13.75
N PRO B 16 22.06 -3.73 13.63
CA PRO B 16 22.08 -2.83 12.46
C PRO B 16 22.25 -3.55 11.15
N ALA B 17 22.78 -4.78 11.16
CA ALA B 17 22.90 -5.55 9.92
C ALA B 17 21.54 -5.86 9.32
N ILE B 18 20.52 -6.03 10.16
CA ILE B 18 19.17 -6.31 9.65
C ILE B 18 18.64 -5.12 8.86
N TYR B 19 18.69 -3.93 9.46
CA TYR B 19 18.05 -2.76 8.85
C TYR B 19 18.83 -2.24 7.64
N ALA B 20 20.11 -2.61 7.50
CA ALA B 20 20.81 -2.32 6.26
C ALA B 20 20.20 -3.05 5.07
N GLU B 21 19.39 -4.07 5.33
CA GLU B 21 18.81 -4.94 4.30
C GLU B 21 17.30 -4.88 4.24
N ARG B 22 16.62 -4.84 5.38
N ARG B 22 16.62 -4.84 5.38
CA ARG B 22 15.17 -4.99 5.40
CA ARG B 22 15.16 -4.97 5.39
C ARG B 22 14.63 -4.45 6.71
C ARG B 22 14.63 -4.47 6.72
N LEU B 23 13.30 -4.30 6.76
CA LEU B 23 12.60 -4.08 8.01
C LEU B 23 12.04 -5.42 8.45
N PRO B 24 12.41 -5.95 9.62
CA PRO B 24 12.01 -7.31 9.97
C PRO B 24 10.53 -7.42 10.30
N VAL B 25 9.67 -7.24 9.29
CA VAL B 25 8.23 -7.21 9.53
C VAL B 25 7.72 -8.56 9.98
N ALA B 26 8.16 -9.64 9.32
CA ALA B 26 7.68 -10.97 9.68
C ALA B 26 8.11 -11.35 11.09
N GLU B 27 9.32 -10.93 11.50
CA GLU B 27 9.80 -11.26 12.84
C GLU B 27 9.04 -10.49 13.90
N PHE B 28 8.78 -9.20 13.65
CA PHE B 28 7.95 -8.42 14.57
C PHE B 28 6.56 -9.03 14.70
N ALA B 29 6.00 -9.53 13.60
CA ALA B 29 4.68 -10.13 13.64
C ALA B 29 4.69 -11.39 14.48
N GLU B 30 5.76 -12.19 14.41
CA GLU B 30 5.83 -13.41 15.21
C GLU B 30 5.84 -13.09 16.70
N LEU B 31 6.58 -12.05 17.10
CA LEU B 31 6.57 -11.65 18.51
C LEU B 31 5.19 -11.19 18.94
N ARG B 32 4.54 -10.35 18.13
CA ARG B 32 3.18 -9.90 18.46
C ARG B 32 2.25 -11.09 18.65
N SER B 33 2.45 -12.16 17.89
CA SER B 33 1.59 -13.34 17.99
C SER B 33 2.01 -14.26 19.13
N ALA B 34 3.32 -14.49 19.29
CA ALA B 34 3.81 -15.50 20.21
C ALA B 34 4.39 -14.96 21.51
N ALA B 35 4.99 -13.77 21.50
CA ALA B 35 5.59 -13.22 22.70
C ALA B 35 5.63 -11.70 22.62
N PRO B 36 4.49 -11.03 22.84
CA PRO B 36 4.46 -9.56 22.65
C PRO B 36 5.43 -8.82 23.54
N ILE B 37 5.84 -9.40 24.66
CA ILE B 37 6.95 -8.90 25.47
C ILE B 37 7.93 -10.05 25.63
N TRP B 38 9.04 -9.99 24.92
CA TRP B 38 9.98 -11.11 24.82
C TRP B 38 11.38 -10.66 25.18
N TRP B 39 12.11 -11.52 25.89
CA TRP B 39 13.47 -11.18 26.30
C TRP B 39 14.43 -11.36 25.14
N ASN B 40 15.01 -10.26 24.68
CA ASN B 40 16.01 -10.27 23.61
C ASN B 40 17.38 -10.38 24.25
N GLY B 41 17.96 -11.58 24.21
CA GLY B 41 19.28 -11.78 24.80
C GLY B 41 20.39 -11.26 23.89
N GLN B 42 21.38 -10.64 24.52
CA GLN B 42 22.53 -10.08 23.81
C GLN B 42 23.82 -10.63 24.43
N ASP B 43 24.67 -11.19 23.57
CA ASP B 43 25.92 -11.77 24.03
C ASP B 43 26.87 -10.67 24.53
N PRO B 44 27.88 -11.04 25.33
CA PRO B 44 28.81 -10.01 25.86
C PRO B 44 29.52 -9.27 24.74
N GLY B 45 29.67 -7.96 24.93
CA GLY B 45 30.26 -7.11 23.91
C GLY B 45 29.45 -6.98 22.65
N LYS B 46 28.18 -7.38 22.66
CA LYS B 46 27.33 -7.32 21.47
C LYS B 46 26.01 -6.59 21.74
N GLY B 47 25.97 -5.73 22.76
CA GLY B 47 24.74 -5.05 23.11
C GLY B 47 24.70 -3.61 22.66
N GLY B 48 25.41 -3.30 21.58
CA GLY B 48 25.40 -1.94 21.05
C GLY B 48 25.81 -0.89 22.05
N GLY B 49 26.80 -1.21 22.90
CA GLY B 49 27.26 -0.31 23.93
C GLY B 49 26.64 -0.53 25.29
N PHE B 50 25.73 -1.48 25.43
CA PHE B 50 25.10 -1.78 26.70
C PHE B 50 25.47 -3.19 27.12
N HIS B 51 25.93 -3.36 28.35
CA HIS B 51 26.46 -4.62 28.83
C HIS B 51 25.62 -5.11 30.01
N ASP B 52 24.35 -5.44 29.70
CA ASP B 52 23.43 -5.95 30.70
C ASP B 52 22.86 -7.32 30.35
N GLY B 53 23.24 -7.89 29.21
CA GLY B 53 22.79 -9.21 28.82
C GLY B 53 21.60 -9.24 27.89
N GLY B 54 20.93 -8.12 27.70
CA GLY B 54 19.80 -8.07 26.79
C GLY B 54 18.79 -7.04 27.24
N PHE B 55 17.58 -7.15 26.67
CA PHE B 55 16.54 -6.17 26.88
C PHE B 55 15.17 -6.82 26.63
N TRP B 56 14.12 -6.11 27.04
CA TRP B 56 12.75 -6.53 26.78
C TRP B 56 12.26 -5.91 25.49
N ALA B 57 11.91 -6.75 24.51
CA ALA B 57 11.34 -6.28 23.26
C ALA B 57 9.86 -5.98 23.46
N ILE B 58 9.48 -4.72 23.25
CA ILE B 58 8.09 -4.27 23.38
C ILE B 58 7.52 -4.12 21.97
N THR B 59 6.49 -4.91 21.67
CA THR B 59 5.97 -5.00 20.30
C THR B 59 4.50 -4.60 20.16
N LYS B 60 3.76 -4.41 21.24
CA LYS B 60 2.35 -4.04 21.15
C LYS B 60 2.17 -2.56 21.43
N LEU B 61 1.20 -1.96 20.75
CA LEU B 61 1.00 -0.51 20.83
C LEU B 61 0.57 -0.09 22.24
N ASN B 62 -0.37 -0.83 22.84
CA ASN B 62 -0.82 -0.49 24.18
C ASN B 62 0.34 -0.54 25.17
N ASP B 63 1.21 -1.54 25.04
CA ASP B 63 2.37 -1.63 25.91
C ASP B 63 3.31 -0.45 25.71
N VAL B 64 3.44 0.03 24.47
CA VAL B 64 4.31 1.17 24.20
C VAL B 64 3.77 2.43 24.86
N LYS B 65 2.46 2.67 24.74
CA LYS B 65 1.87 3.86 25.34
C LYS B 65 1.93 3.80 26.86
N GLU B 66 1.83 2.60 27.45
CA GLU B 66 1.94 2.47 28.89
C GLU B 66 3.34 2.84 29.38
N ILE B 67 4.38 2.46 28.64
CA ILE B 67 5.73 2.79 29.03
C ILE B 67 5.99 4.28 28.85
N SER B 68 5.44 4.89 27.80
CA SER B 68 5.65 6.31 27.55
C SER B 68 4.92 7.17 28.57
N ARG B 69 3.73 6.75 29.01
CA ARG B 69 2.97 7.53 29.98
C ARG B 69 3.59 7.45 31.37
N HIS B 70 4.15 6.30 31.72
CA HIS B 70 4.75 6.08 33.04
C HIS B 70 6.23 6.44 33.02
N SER B 71 6.51 7.69 32.64
CA SER B 71 7.89 8.18 32.68
C SER B 71 8.43 8.24 34.10
N ASP B 72 7.55 8.30 35.10
CA ASP B 72 7.98 8.23 36.49
C ASP B 72 8.70 6.93 36.79
N VAL B 73 8.38 5.87 36.05
CA VAL B 73 9.01 4.56 36.23
C VAL B 73 10.05 4.29 35.16
N PHE B 74 9.67 4.41 33.89
CA PHE B 74 10.55 4.09 32.78
C PHE B 74 11.30 5.35 32.36
N SER B 75 12.62 5.33 32.51
CA SER B 75 13.44 6.52 32.49
C SER B 75 14.22 6.64 31.19
N SER B 76 14.39 7.89 30.74
CA SER B 76 15.26 8.23 29.62
C SER B 76 16.65 8.63 30.05
N TYR B 77 16.82 9.12 31.28
CA TYR B 77 18.11 9.59 31.75
C TYR B 77 19.06 8.44 32.08
N GLU B 78 18.52 7.32 32.58
CA GLU B 78 19.36 6.27 33.14
C GLU B 78 20.31 5.70 32.10
N ASN B 79 19.80 5.33 30.93
CA ASN B 79 20.61 4.73 29.88
C ASN B 79 20.38 5.36 28.52
N GLY B 80 19.80 6.55 28.47
CA GLY B 80 19.48 7.15 27.18
C GLY B 80 18.37 6.43 26.47
N VAL B 81 17.88 6.99 25.36
CA VAL B 81 16.78 6.38 24.62
C VAL B 81 17.23 5.71 23.34
N ILE B 82 18.46 5.89 22.90
CA ILE B 82 18.95 5.18 21.72
C ILE B 82 19.35 3.78 22.13
N PRO B 83 18.83 2.74 21.47
CA PRO B 83 19.08 1.36 21.90
C PRO B 83 20.29 0.67 21.26
N ARG B 84 21.01 1.32 20.34
CA ARG B 84 22.12 0.65 19.68
C ARG B 84 23.17 1.66 19.26
N PHE B 85 24.42 1.39 19.63
CA PHE B 85 25.57 2.14 19.13
C PHE B 85 26.55 1.14 18.55
N LYS B 86 27.77 1.60 18.29
CA LYS B 86 28.85 0.66 18.00
C LYS B 86 29.18 -0.07 19.28
N ASN B 87 29.38 -1.38 19.19
CA ASN B 87 29.55 -2.23 20.38
C ASN B 87 30.63 -1.73 21.32
N ASP B 88 31.66 -1.08 20.77
CA ASP B 88 32.81 -0.61 21.54
C ASP B 88 32.69 0.85 21.95
N ILE B 89 31.47 1.40 22.00
CA ILE B 89 31.31 2.80 22.38
C ILE B 89 31.63 2.96 23.86
N ALA B 90 32.33 4.05 24.19
CA ALA B 90 32.62 4.35 25.58
C ALA B 90 31.34 4.75 26.30
N ARG B 91 31.23 4.35 27.57
CA ARG B 91 30.08 4.73 28.37
C ARG B 91 29.94 6.24 28.46
N GLU B 92 31.06 6.95 28.59
CA GLU B 92 31.02 8.41 28.68
C GLU B 92 30.38 9.02 27.44
N ASP B 93 30.61 8.44 26.27
CA ASP B 93 29.97 8.94 25.05
C ASP B 93 28.46 8.76 25.11
N ILE B 94 27.98 7.79 25.89
CA ILE B 94 26.54 7.63 26.06
C ILE B 94 26.00 8.66 27.03
N GLU B 95 26.72 8.93 28.12
CA GLU B 95 26.24 9.85 29.14
C GLU B 95 26.28 11.31 28.69
N VAL B 96 27.11 11.66 27.69
CA VAL B 96 27.12 13.03 27.21
C VAL B 96 25.79 13.37 26.55
N GLN B 97 25.04 12.37 26.10
CA GLN B 97 23.73 12.59 25.52
C GLN B 97 22.69 13.02 26.54
N ARG B 98 22.99 12.90 27.83
CA ARG B 98 22.11 13.41 28.88
C ARG B 98 21.98 14.93 28.83
N PHE B 99 22.85 15.62 28.09
CA PHE B 99 22.84 17.07 28.02
C PHE B 99 21.79 17.63 27.07
N VAL B 100 21.05 16.78 26.36
CA VAL B 100 19.91 17.23 25.56
C VAL B 100 18.62 16.75 26.21
N MET B 101 17.52 17.42 25.84
CA MET B 101 16.26 17.22 26.53
C MET B 101 15.75 15.79 26.40
N LEU B 102 15.96 15.18 25.23
CA LEU B 102 15.39 13.87 24.95
C LEU B 102 15.82 12.81 25.97
N ASN B 103 17.02 12.95 26.53
CA ASN B 103 17.58 11.98 27.46
C ASN B 103 17.64 12.51 28.88
N MET B 104 16.60 13.22 29.32
CA MET B 104 16.46 13.62 30.72
C MET B 104 15.12 13.15 31.26
N ASP B 105 14.99 13.25 32.58
CA ASP B 105 13.73 12.98 33.27
C ASP B 105 13.36 14.22 34.08
N ALA B 106 12.08 14.27 34.46
CA ALA B 106 11.61 15.30 35.37
C ALA B 106 12.42 15.28 36.66
N PRO B 107 12.63 16.45 37.31
CA PRO B 107 12.12 17.79 36.96
C PRO B 107 12.93 18.53 35.91
N HIS B 108 14.16 18.07 35.63
CA HIS B 108 15.01 18.74 34.66
C HIS B 108 14.33 18.85 33.30
N HIS B 109 13.78 17.73 32.81
CA HIS B 109 13.10 17.75 31.51
C HIS B 109 11.89 18.67 31.54
N THR B 110 11.09 18.60 32.61
CA THR B 110 9.89 19.43 32.70
C THR B 110 10.23 20.91 32.58
N ARG B 111 11.37 21.33 33.15
CA ARG B 111 11.79 22.71 33.03
C ARG B 111 12.09 23.06 31.58
N LEU B 112 13.01 22.32 30.96
CA LEU B 112 13.42 22.64 29.59
C LEU B 112 12.26 22.53 28.61
N ARG B 113 11.48 21.46 28.72
CA ARG B 113 10.35 21.25 27.82
C ARG B 113 9.38 22.43 27.85
N LYS B 114 9.11 22.95 29.06
CA LYS B 114 8.25 24.12 29.17
C LYS B 114 8.84 25.31 28.44
N ILE B 115 10.17 25.46 28.48
CA ILE B 115 10.81 26.60 27.84
C ILE B 115 10.82 26.45 26.33
N ILE B 116 11.13 25.25 25.84
CA ILE B 116 11.26 25.05 24.39
C ILE B 116 9.91 24.91 23.70
N SER B 117 8.82 24.71 24.45
CA SER B 117 7.49 24.84 23.86
C SER B 117 7.27 26.22 23.26
N ARG B 118 8.07 27.22 23.66
CA ARG B 118 7.99 28.57 23.10
C ARG B 118 8.13 28.56 21.58
N GLY B 119 8.82 27.57 21.02
CA GLY B 119 9.11 27.57 19.60
C GLY B 119 8.30 26.60 18.76
N PHE B 120 7.39 25.85 19.39
CA PHE B 120 6.57 24.90 18.65
C PHE B 120 5.08 25.18 18.85
N THR B 121 4.74 26.41 19.21
CA THR B 121 3.38 26.90 19.27
C THR B 121 2.77 26.93 17.86
N PRO B 122 1.45 27.06 17.71
CA PRO B 122 0.88 27.13 16.35
C PRO B 122 1.23 28.41 15.62
N ARG B 123 1.74 29.42 16.33
CA ARG B 123 2.20 30.65 15.71
C ARG B 123 3.61 30.50 15.16
N ALA B 124 4.51 29.89 15.94
CA ALA B 124 5.86 29.64 15.46
C ALA B 124 5.85 28.68 14.27
N VAL B 125 4.98 27.67 14.30
CA VAL B 125 4.89 26.73 13.19
C VAL B 125 4.18 27.36 12.00
N GLY B 126 3.02 27.97 12.25
CA GLY B 126 2.24 28.51 11.14
C GLY B 126 2.94 29.61 10.38
N ARG B 127 3.73 30.43 11.07
CA ARG B 127 4.46 31.51 10.42
C ARG B 127 5.47 30.98 9.39
N LEU B 128 5.81 29.70 9.46
CA LEU B 128 6.74 29.11 8.51
C LEU B 128 6.04 28.50 7.29
N HIS B 129 4.71 28.51 7.25
CA HIS B 129 3.97 27.93 6.14
C HIS B 129 4.43 28.52 4.82
N ASP B 130 4.34 29.85 4.71
CA ASP B 130 4.55 30.51 3.43
C ASP B 130 5.95 30.24 2.89
N GLU B 131 6.98 30.45 3.72
CA GLU B 131 8.34 30.24 3.26
C GLU B 131 8.58 28.78 2.86
N LEU B 132 8.05 27.84 3.64
CA LEU B 132 8.30 26.44 3.34
C LEU B 132 7.42 25.94 2.19
N GLN B 133 6.25 26.55 2.00
CA GLN B 133 5.46 26.25 0.81
C GLN B 133 6.20 26.70 -0.46
N GLU B 134 6.69 27.94 -0.47
CA GLU B 134 7.51 28.40 -1.59
CA GLU B 134 7.51 28.40 -1.59
C GLU B 134 8.72 27.50 -1.78
N ARG B 135 9.38 27.13 -0.68
CA ARG B 135 10.54 26.24 -0.76
C ARG B 135 10.16 24.87 -1.33
N ALA B 136 9.06 24.30 -0.83
CA ALA B 136 8.64 22.98 -1.29
C ALA B 136 8.34 22.97 -2.79
N GLN B 137 7.59 23.97 -3.26
CA GLN B 137 7.28 24.05 -4.68
C GLN B 137 8.54 24.25 -5.52
N LYS B 138 9.49 25.03 -5.02
CA LYS B 138 10.75 25.20 -5.73
C LYS B 138 11.53 23.89 -5.80
N ILE B 139 11.58 23.15 -4.69
CA ILE B 139 12.26 21.85 -4.67
C ILE B 139 11.66 20.92 -5.73
N ALA B 140 10.33 20.76 -5.71
CA ALA B 140 9.68 19.85 -6.65
C ALA B 140 9.89 20.30 -8.08
N ALA B 141 9.78 21.61 -8.35
CA ALA B 141 10.00 22.12 -9.70
C ALA B 141 11.41 21.82 -10.19
N GLU B 142 12.40 21.98 -9.32
CA GLU B 142 13.78 21.72 -9.72
C GLU B 142 14.00 20.24 -10.04
N ALA B 143 13.43 19.35 -9.23
CA ALA B 143 13.57 17.93 -9.50
C ALA B 143 12.87 17.53 -10.80
N ALA B 144 11.69 18.09 -11.04
CA ALA B 144 10.96 17.80 -12.28
C ALA B 144 11.75 18.26 -13.50
N ALA B 145 12.43 19.40 -13.40
CA ALA B 145 13.25 19.86 -14.52
C ALA B 145 14.46 18.95 -14.73
N ALA B 146 14.95 18.30 -13.67
CA ALA B 146 16.07 17.37 -13.80
C ALA B 146 15.67 16.04 -14.41
N GLY B 147 14.37 15.73 -14.45
CA GLY B 147 13.90 14.54 -15.12
C GLY B 147 14.00 13.27 -14.29
N SER B 148 15.15 13.07 -13.64
CA SER B 148 15.37 11.89 -12.83
C SER B 148 16.59 12.14 -11.95
N GLY B 149 16.73 11.30 -10.93
CA GLY B 149 17.87 11.40 -10.02
C GLY B 149 17.54 10.73 -8.70
N ASP B 150 18.33 11.07 -7.68
CA ASP B 150 18.15 10.51 -6.35
C ASP B 150 17.05 11.27 -5.63
N PHE B 151 15.92 10.59 -5.39
CA PHE B 151 14.78 11.21 -4.72
C PHE B 151 15.17 11.70 -3.32
N VAL B 152 16.00 10.93 -2.61
CA VAL B 152 16.38 11.30 -1.25
C VAL B 152 17.07 12.66 -1.24
N GLU B 153 18.03 12.86 -2.14
CA GLU B 153 18.78 14.11 -2.15
C GLU B 153 17.97 15.25 -2.77
N GLN B 154 17.16 14.96 -3.79
CA GLN B 154 16.53 16.01 -4.57
C GLN B 154 15.15 16.42 -4.06
N VAL B 155 14.51 15.61 -3.22
CA VAL B 155 13.15 15.89 -2.80
C VAL B 155 13.01 15.85 -1.28
N SER B 156 13.55 14.79 -0.67
CA SER B 156 13.32 14.56 0.75
C SER B 156 14.24 15.37 1.64
N CYS B 157 15.44 15.71 1.16
CA CYS B 157 16.51 16.15 2.04
C CYS B 157 16.36 17.61 2.47
N GLU B 158 16.04 18.51 1.54
CA GLU B 158 16.21 19.93 1.80
C GLU B 158 15.15 20.50 2.73
N LEU B 159 13.86 20.24 2.43
CA LEU B 159 12.78 20.88 3.17
C LEU B 159 12.84 20.66 4.68
N PRO B 160 13.06 19.43 5.19
CA PRO B 160 13.19 19.29 6.65
C PRO B 160 14.30 20.13 7.24
N LEU B 161 15.40 20.33 6.51
CA LEU B 161 16.47 21.18 7.00
C LEU B 161 16.08 22.65 6.95
N GLN B 162 15.36 23.06 5.90
CA GLN B 162 14.91 24.45 5.83
C GLN B 162 13.89 24.76 6.91
N ALA B 163 13.10 23.77 7.32
CA ALA B 163 12.17 23.97 8.43
C ALA B 163 12.91 24.28 9.72
N ILE B 164 14.05 23.62 9.94
CA ILE B 164 14.86 23.93 11.11
C ILE B 164 15.51 25.29 10.97
N ALA B 165 16.07 25.58 9.79
CA ALA B 165 16.74 26.86 9.56
C ALA B 165 15.77 28.02 9.70
N GLY B 166 14.59 27.90 9.08
CA GLY B 166 13.60 28.97 9.22
C GLY B 166 13.14 29.16 10.65
N LEU B 167 12.96 28.05 11.38
CA LEU B 167 12.60 28.15 12.78
C LEU B 167 13.65 28.94 13.56
N LEU B 168 14.92 28.52 13.50
CA LEU B 168 16.00 29.17 14.22
C LEU B 168 16.39 30.53 13.64
N GLY B 169 15.80 30.95 12.53
CA GLY B 169 16.15 32.21 11.90
C GLY B 169 17.59 32.28 11.45
N VAL B 170 18.03 31.25 10.73
CA VAL B 170 19.42 31.13 10.30
C VAL B 170 19.63 31.91 9.02
N PRO B 171 20.69 32.72 8.92
CA PRO B 171 20.95 33.44 7.66
C PRO B 171 21.21 32.47 6.52
N GLN B 172 20.75 32.87 5.32
CA GLN B 172 20.91 32.00 4.16
C GLN B 172 22.37 31.76 3.81
N GLU B 173 23.28 32.62 4.26
CA GLU B 173 24.70 32.40 4.05
C GLU B 173 25.29 31.38 5.02
N ASP B 174 24.53 30.95 6.04
CA ASP B 174 25.01 29.98 7.01
C ASP B 174 24.29 28.64 6.92
N ARG B 175 23.23 28.53 6.12
CA ARG B 175 22.46 27.29 6.07
C ARG B 175 23.27 26.16 5.43
N GLY B 176 24.10 26.48 4.45
CA GLY B 176 24.96 25.49 3.83
C GLY B 176 25.80 24.72 4.82
N LYS B 177 26.59 25.44 5.63
CA LYS B 177 27.41 24.76 6.63
C LYS B 177 26.57 24.19 7.76
N LEU B 178 25.48 24.86 8.12
CA LEU B 178 24.57 24.32 9.13
C LEU B 178 24.01 22.96 8.67
N PHE B 179 23.55 22.89 7.42
CA PHE B 179 23.02 21.63 6.89
C PHE B 179 24.10 20.55 6.87
N HIS B 180 25.34 20.94 6.56
CA HIS B 180 26.43 19.96 6.48
C HIS B 180 26.68 19.28 7.81
N TRP B 181 26.83 20.07 8.87
CA TRP B 181 27.07 19.49 10.20
C TRP B 181 25.91 18.62 10.64
N SER B 182 24.67 19.07 10.38
CA SER B 182 23.50 18.30 10.80
C SER B 182 23.44 16.95 10.11
N ASN B 183 23.76 16.90 8.82
CA ASN B 183 23.73 15.64 8.10
C ASN B 183 24.82 14.69 8.58
N GLU B 184 25.97 15.24 9.02
CA GLU B 184 27.08 14.45 9.51
C GLU B 184 26.90 13.98 10.96
N MET B 185 25.74 14.24 11.55
CA MET B 185 25.50 13.84 12.93
C MET B 185 25.08 12.38 13.03
N THR B 186 24.22 11.93 12.12
CA THR B 186 23.69 10.57 12.16
C THR B 186 24.10 9.80 10.91
N GLY B 187 24.29 8.49 11.07
CA GLY B 187 24.63 7.61 9.98
C GLY B 187 26.01 7.01 10.04
N ASN B 188 26.79 7.27 11.10
CA ASN B 188 28.18 6.86 11.16
C ASN B 188 28.38 5.35 11.22
N GLU B 189 27.32 4.57 11.46
CA GLU B 189 27.43 3.12 11.54
C GLU B 189 27.26 2.44 10.19
N ASP B 190 26.96 3.19 9.14
CA ASP B 190 26.87 2.72 7.77
C ASP B 190 28.20 2.94 7.06
N PRO B 191 28.68 1.96 6.28
CA PRO B 191 30.00 2.13 5.64
C PRO B 191 30.12 3.38 4.78
N GLU B 192 29.00 3.88 4.26
CA GLU B 192 29.02 5.12 3.48
C GLU B 192 29.45 6.30 4.33
N TYR B 193 29.22 6.25 5.64
CA TYR B 193 29.48 7.37 6.53
C TYR B 193 30.44 7.04 7.66
N ALA B 194 31.06 5.86 7.66
CA ALA B 194 31.98 5.50 8.73
C ALA B 194 33.15 6.48 8.84
N HIS B 195 33.49 7.17 7.74
CA HIS B 195 34.59 8.13 7.75
C HIS B 195 34.27 9.37 8.56
N ILE B 196 33.00 9.78 8.63
CA ILE B 196 32.64 11.06 9.21
C ILE B 196 32.87 11.06 10.71
N ASP B 197 33.29 12.22 11.23
CA ASP B 197 33.47 12.44 12.66
C ASP B 197 32.32 13.30 13.18
N PRO B 198 31.29 12.70 13.79
CA PRO B 198 30.14 13.52 14.23
C PRO B 198 30.45 14.38 15.44
N LYS B 199 31.31 13.91 16.34
CA LYS B 199 31.72 14.72 17.48
C LYS B 199 32.31 16.05 17.03
N ALA B 200 33.00 16.06 15.87
CA ALA B 200 33.45 17.31 15.28
C ALA B 200 32.27 18.13 14.78
N SER B 201 31.28 17.49 14.18
CA SER B 201 30.11 18.22 13.68
C SER B 201 29.25 18.76 14.82
N SER B 202 29.06 17.95 15.86
CA SER B 202 28.30 18.42 17.03
C SER B 202 28.99 19.63 17.68
N ALA B 203 30.32 19.62 17.73
CA ALA B 203 31.04 20.76 18.28
C ALA B 203 30.88 21.99 17.39
N GLU B 204 30.81 21.81 16.08
CA GLU B 204 30.62 22.96 15.19
C GLU B 204 29.22 23.55 15.36
N LEU B 205 28.22 22.69 15.61
CA LEU B 205 26.86 23.17 15.76
C LEU B 205 26.70 23.96 17.06
N ILE B 206 27.23 23.43 18.16
CA ILE B 206 27.15 24.11 19.44
C ILE B 206 27.82 25.48 19.36
N GLY B 207 29.01 25.52 18.76
CA GLY B 207 29.73 26.79 18.66
C GLY B 207 28.98 27.83 17.86
N TYR B 208 28.47 27.45 16.69
CA TYR B 208 27.65 28.38 15.91
C TYR B 208 26.40 28.77 16.67
N ALA B 209 25.83 27.85 17.46
CA ALA B 209 24.62 28.15 18.21
C ALA B 209 24.87 29.21 19.28
N MET B 210 25.91 29.01 20.10
CA MET B 210 26.26 30.02 21.11
C MET B 210 26.58 31.37 20.46
N LYS B 211 27.35 31.35 19.37
CA LYS B 211 27.60 32.57 18.62
C LYS B 211 26.30 33.24 18.19
N MET B 212 25.25 32.46 17.94
CA MET B 212 23.96 33.01 17.56
C MET B 212 23.18 33.53 18.77
N ALA B 213 23.31 32.88 19.93
CA ALA B 213 22.64 33.36 21.12
C ALA B 213 23.22 34.69 21.60
N GLU B 214 24.54 34.84 21.50
CA GLU B 214 25.16 36.12 21.85
C GLU B 214 24.78 37.22 20.87
N GLU B 215 24.56 36.86 19.60
CA GLU B 215 24.18 37.88 18.62
C GLU B 215 22.79 38.43 18.91
N LYS B 216 21.83 37.55 19.21
CA LYS B 216 20.46 38.00 19.48
C LYS B 216 20.29 38.58 20.87
N ALA B 217 21.21 38.28 21.80
CA ALA B 217 21.14 38.87 23.13
C ALA B 217 21.28 40.39 23.07
N LYS B 218 22.13 40.88 22.17
CA LYS B 218 22.30 42.31 21.95
C LYS B 218 21.36 42.86 20.88
N ASN B 219 20.86 42.00 19.99
CA ASN B 219 19.98 42.41 18.90
C ASN B 219 18.71 41.57 18.95
N PRO B 220 17.77 41.92 19.86
CA PRO B 220 16.50 41.19 19.98
C PRO B 220 15.69 41.21 18.68
N ASP B 223 11.17 36.49 17.21
CA ASP B 223 11.90 35.28 16.85
C ASP B 223 12.02 34.33 18.02
N ILE B 224 11.97 33.02 17.73
CA ILE B 224 12.02 32.04 18.81
C ILE B 224 13.31 32.21 19.61
N VAL B 225 14.41 32.49 18.92
CA VAL B 225 15.72 32.55 19.59
C VAL B 225 15.68 33.57 20.72
N THR B 226 15.22 34.79 20.42
CA THR B 226 15.06 35.79 21.46
C THR B 226 14.15 35.27 22.58
N GLN B 227 13.01 34.68 22.22
CA GLN B 227 12.09 34.16 23.22
C GLN B 227 12.74 33.13 24.13
N LEU B 228 13.62 32.29 23.56
CA LEU B 228 14.22 31.20 24.33
C LEU B 228 15.22 31.71 25.35
N ILE B 229 16.05 32.69 24.98
CA ILE B 229 17.09 33.19 25.87
C ILE B 229 16.58 34.38 26.66
N GLN B 230 15.26 34.58 26.68
CA GLN B 230 14.62 35.68 27.38
C GLN B 230 13.73 35.16 28.48
N ALA B 231 13.90 35.71 29.68
CA ALA B 231 13.12 35.29 30.85
C ALA B 231 11.63 35.53 30.64
N GLU B 236 12.67 32.57 33.88
CA GLU B 236 13.10 31.28 33.35
C GLU B 236 13.51 31.41 31.88
N LYS B 237 14.68 30.89 31.55
CA LYS B 237 15.24 31.04 30.21
C LYS B 237 16.12 29.84 29.91
N LEU B 238 16.65 29.80 28.68
CA LEU B 238 17.68 28.85 28.31
C LEU B 238 19.04 29.49 28.50
N SER B 239 19.92 28.83 29.25
CA SER B 239 21.29 29.31 29.32
C SER B 239 21.96 29.16 27.95
N ASP B 240 23.13 29.80 27.80
CA ASP B 240 23.85 29.70 26.54
C ASP B 240 24.29 28.27 26.28
N ASP B 241 24.54 27.49 27.33
CA ASP B 241 24.84 26.07 27.16
C ASP B 241 23.61 25.31 26.68
N GLU B 242 22.46 25.56 27.31
CA GLU B 242 21.24 24.81 26.97
C GLU B 242 20.74 25.14 25.58
N PHE B 243 20.98 26.37 25.11
CA PHE B 243 20.60 26.71 23.74
C PHE B 243 21.44 25.92 22.73
N GLY B 244 22.71 25.69 23.05
CA GLY B 244 23.54 24.90 22.15
C GLY B 244 23.06 23.46 22.03
N PHE B 245 22.88 22.79 23.17
CA PHE B 245 22.35 21.43 23.14
C PHE B 245 20.96 21.37 22.55
N PHE B 246 20.21 22.48 22.63
CA PHE B 246 18.92 22.55 21.94
C PHE B 246 19.11 22.55 20.43
N VAL B 247 20.03 23.36 19.93
CA VAL B 247 20.25 23.44 18.49
C VAL B 247 20.74 22.11 17.95
N VAL B 248 21.70 21.50 18.65
CA VAL B 248 22.22 20.21 18.21
C VAL B 248 21.11 19.17 18.19
N MET B 249 20.23 19.20 19.21
CA MET B 249 19.13 18.25 19.24
C MET B 249 18.19 18.47 18.06
N LEU B 250 17.92 19.72 17.72
CA LEU B 250 17.09 20.01 16.54
C LEU B 250 17.75 19.52 15.27
N ALA B 251 19.09 19.64 15.19
CA ALA B 251 19.80 19.23 13.98
C ALA B 251 19.62 17.75 13.70
N VAL B 252 19.43 16.94 14.73
CA VAL B 252 19.20 15.52 14.53
C VAL B 252 17.71 15.20 14.55
N ALA B 253 16.95 15.88 15.42
CA ALA B 253 15.54 15.55 15.64
C ALA B 253 14.72 15.73 14.36
N GLY B 254 14.74 16.92 13.79
CA GLY B 254 13.91 17.25 12.66
C GLY B 254 14.54 17.02 11.31
N ASN B 255 15.69 16.33 11.25
CA ASN B 255 16.38 16.15 9.98
C ASN B 255 16.00 14.82 9.36
N GLU B 256 16.70 13.75 9.75
CA GLU B 256 16.53 12.47 9.07
C GLU B 256 15.14 11.89 9.32
N THR B 257 14.52 12.21 10.46
CA THR B 257 13.19 11.69 10.76
C THR B 257 12.19 12.11 9.69
N THR B 258 12.00 13.42 9.51
CA THR B 258 11.05 13.90 8.51
C THR B 258 11.49 13.49 7.10
N ARG B 259 12.79 13.50 6.85
CA ARG B 259 13.30 13.09 5.54
C ARG B 259 12.82 11.69 5.17
N ASN B 260 12.99 10.73 6.08
CA ASN B 260 12.61 9.36 5.77
C ASN B 260 11.11 9.16 5.72
N SER B 261 10.34 10.01 6.42
CA SER B 261 8.90 9.97 6.22
C SER B 261 8.53 10.43 4.81
N ILE B 262 9.33 11.31 4.20
CA ILE B 262 9.05 11.75 2.85
C ILE B 262 9.41 10.65 1.85
N THR B 263 10.60 10.08 1.99
CA THR B 263 11.05 9.03 1.06
C THR B 263 10.14 7.81 1.12
N GLN B 264 9.88 7.31 2.33
CA GLN B 264 9.12 6.07 2.47
C GLN B 264 7.62 6.29 2.28
N GLY B 265 7.13 7.52 2.46
CA GLY B 265 5.77 7.82 2.05
C GLY B 265 5.61 7.79 0.54
N MET B 266 6.63 8.26 -0.19
CA MET B 266 6.60 8.18 -1.64
C MET B 266 6.77 6.74 -2.11
N MET B 267 7.65 5.98 -1.46
CA MET B 267 7.74 4.55 -1.73
C MET B 267 6.39 3.88 -1.56
N ALA B 268 5.64 4.27 -0.53
CA ALA B 268 4.31 3.72 -0.31
C ALA B 268 3.38 4.04 -1.47
N PHE B 269 3.40 5.29 -1.95
CA PHE B 269 2.54 5.67 -3.07
C PHE B 269 2.90 4.90 -4.33
N ALA B 270 4.20 4.73 -4.59
CA ALA B 270 4.63 3.95 -5.73
C ALA B 270 4.17 2.50 -5.62
N GLU B 271 4.08 1.97 -4.40
CA GLU B 271 3.56 0.62 -4.20
C GLU B 271 2.05 0.56 -4.31
N HIS B 272 1.35 1.66 -4.04
CA HIS B 272 -0.11 1.69 -4.05
C HIS B 272 -0.57 2.85 -4.92
N PRO B 273 -0.56 2.67 -6.24
CA PRO B 273 -0.96 3.77 -7.14
C PRO B 273 -2.39 4.24 -6.93
N ASP B 274 -3.27 3.34 -6.49
CA ASP B 274 -4.65 3.72 -6.17
C ASP B 274 -4.68 4.84 -5.14
N GLN B 275 -3.82 4.74 -4.12
CA GLN B 275 -3.74 5.79 -3.11
C GLN B 275 -3.07 7.05 -3.64
N TRP B 276 -2.13 6.91 -4.57
CA TRP B 276 -1.49 8.09 -5.16
C TRP B 276 -2.46 8.84 -6.05
N GLU B 277 -3.27 8.13 -6.83
CA GLU B 277 -4.32 8.79 -7.60
C GLU B 277 -5.30 9.49 -6.69
N LEU B 278 -5.70 8.84 -5.59
CA LEU B 278 -6.62 9.45 -4.65
C LEU B 278 -6.02 10.69 -3.99
N TYR B 279 -4.72 10.64 -3.65
CA TYR B 279 -4.09 11.79 -3.02
C TYR B 279 -4.02 12.98 -3.97
N LYS B 280 -3.57 12.75 -5.20
CA LYS B 280 -3.42 13.86 -6.15
C LYS B 280 -4.74 14.60 -6.36
N LYS B 281 -5.87 13.89 -6.26
CA LYS B 281 -7.17 14.52 -6.46
C LYS B 281 -7.64 15.26 -5.21
N VAL B 282 -7.53 14.64 -4.05
CA VAL B 282 -8.20 15.13 -2.85
C VAL B 282 -7.23 15.85 -1.91
N ARG B 283 -5.96 15.43 -1.90
CA ARG B 283 -4.95 15.96 -0.99
C ARG B 283 -5.42 15.87 0.46
N PRO B 284 -5.80 14.68 0.94
CA PRO B 284 -6.45 14.60 2.25
C PRO B 284 -5.48 14.97 3.38
N GLU B 285 -6.01 15.61 4.41
CA GLU B 285 -5.19 16.01 5.54
C GLU B 285 -4.81 14.84 6.43
N THR B 286 -5.53 13.73 6.34
CA THR B 286 -5.17 12.53 7.09
C THR B 286 -3.97 11.80 6.49
N ALA B 287 -3.48 12.24 5.34
CA ALA B 287 -2.42 11.51 4.66
C ALA B 287 -1.12 11.53 5.44
N ALA B 288 -0.80 12.67 6.07
CA ALA B 288 0.48 12.81 6.76
C ALA B 288 0.66 11.75 7.84
N ASP B 289 -0.38 11.52 8.64
CA ASP B 289 -0.23 10.58 9.75
C ASP B 289 -0.12 9.13 9.26
N GLU B 290 -0.79 8.78 8.16
CA GLU B 290 -0.60 7.45 7.59
C GLU B 290 0.80 7.29 7.01
N ILE B 291 1.33 8.35 6.41
CA ILE B 291 2.70 8.31 5.91
C ILE B 291 3.67 8.12 7.08
N VAL B 292 3.43 8.80 8.20
CA VAL B 292 4.30 8.63 9.37
C VAL B 292 4.12 7.23 9.96
N ARG B 293 2.89 6.72 9.99
CA ARG B 293 2.67 5.35 10.46
C ARG B 293 3.41 4.36 9.58
N TRP B 294 3.26 4.50 8.26
CA TRP B 294 3.92 3.60 7.32
C TRP B 294 5.43 3.75 7.36
N ALA B 295 5.93 4.98 7.48
CA ALA B 295 7.37 5.21 7.40
C ALA B 295 8.10 4.90 8.70
N THR B 296 7.46 5.15 9.86
CA THR B 296 8.00 5.00 11.20
C THR B 296 9.50 5.34 11.21
N PRO B 297 9.86 6.60 10.93
CA PRO B 297 11.29 6.93 10.76
C PRO B 297 12.16 6.54 11.93
N VAL B 298 11.62 6.53 13.14
CA VAL B 298 12.33 6.05 14.32
C VAL B 298 11.79 4.65 14.63
N THR B 299 12.65 3.64 14.42
CA THR B 299 12.22 2.26 14.62
C THR B 299 11.96 1.95 16.08
N ALA B 300 12.81 2.47 16.98
CA ALA B 300 12.68 2.11 18.39
C ALA B 300 13.44 3.10 19.26
N PHE B 301 12.83 3.46 20.39
CA PHE B 301 13.51 4.13 21.49
C PHE B 301 13.36 3.26 22.74
N GLN B 302 14.30 3.41 23.67
CA GLN B 302 14.32 2.57 24.86
C GLN B 302 14.10 3.40 26.12
N ARG B 303 13.74 2.70 27.19
CA ARG B 303 13.61 3.28 28.52
C ARG B 303 14.19 2.31 29.53
N THR B 304 14.49 2.82 30.73
CA THR B 304 15.07 2.03 31.79
C THR B 304 14.14 2.00 32.99
N ALA B 305 13.82 0.80 33.48
CA ALA B 305 12.91 0.65 34.61
C ALA B 305 13.62 1.09 35.89
N LEU B 306 13.10 2.14 36.52
CA LEU B 306 13.66 2.62 37.78
C LEU B 306 13.18 1.80 38.97
N ARG B 307 12.22 0.90 38.78
CA ARG B 307 11.74 0.03 39.85
C ARG B 307 11.03 -1.16 39.22
N ASP B 308 10.71 -2.14 40.06
CA ASP B 308 10.00 -3.32 39.60
C ASP B 308 8.62 -2.93 39.08
N TYR B 309 8.31 -3.37 37.86
CA TYR B 309 7.05 -3.01 37.21
C TYR B 309 6.53 -4.21 36.44
N GLU B 310 5.26 -4.55 36.68
CA GLU B 310 4.57 -5.60 35.93
C GLU B 310 3.86 -4.97 34.74
N LEU B 311 4.29 -5.35 33.53
CA LEU B 311 3.73 -4.81 32.29
C LEU B 311 3.11 -5.97 31.51
N SER B 312 1.78 -5.94 31.38
CA SER B 312 1.02 -6.97 30.67
C SER B 312 1.46 -8.37 31.10
N GLY B 313 1.44 -8.59 32.41
CA GLY B 313 1.79 -9.88 32.97
C GLY B 313 3.27 -10.21 32.99
N VAL B 314 4.13 -9.36 32.46
CA VAL B 314 5.58 -9.59 32.45
C VAL B 314 6.21 -8.76 33.57
N GLN B 315 7.14 -9.36 34.29
CA GLN B 315 7.76 -8.75 35.46
C GLN B 315 9.08 -8.11 35.04
N ILE B 316 9.04 -6.79 34.80
CA ILE B 316 10.24 -6.05 34.47
C ILE B 316 10.96 -5.68 35.77
N LYS B 317 12.27 -5.97 35.81
CA LYS B 317 13.06 -5.78 37.03
C LYS B 317 13.84 -4.47 36.96
N LYS B 318 14.13 -3.93 38.15
CA LYS B 318 14.84 -2.66 38.26
C LYS B 318 16.16 -2.68 37.50
N GLY B 319 16.41 -1.59 36.77
CA GLY B 319 17.62 -1.47 35.98
C GLY B 319 17.58 -2.09 34.61
N GLN B 320 16.51 -2.81 34.26
CA GLN B 320 16.41 -3.43 32.95
C GLN B 320 15.93 -2.43 31.91
N ARG B 321 16.39 -2.64 30.67
CA ARG B 321 15.97 -1.81 29.55
C ARG B 321 14.76 -2.41 28.87
N VAL B 322 13.83 -1.55 28.46
CA VAL B 322 12.73 -1.92 27.59
C VAL B 322 12.88 -1.14 26.30
N VAL B 323 12.71 -1.81 25.16
CA VAL B 323 12.86 -1.20 23.85
C VAL B 323 11.49 -1.16 23.17
N MET B 324 10.98 0.05 22.99
CA MET B 324 9.68 0.25 22.36
C MET B 324 9.87 0.23 20.85
N PHE B 325 9.35 -0.82 20.20
CA PHE B 325 9.52 -0.98 18.76
C PHE B 325 8.33 -0.34 18.05
N TYR B 326 8.45 0.96 17.78
CA TYR B 326 7.38 1.68 17.09
C TYR B 326 7.04 1.07 15.74
N ARG B 327 8.04 0.50 15.06
CA ARG B 327 7.80 -0.18 13.79
C ARG B 327 6.85 -1.36 13.96
N SER B 328 6.92 -2.05 15.11
CA SER B 328 5.98 -3.13 15.36
C SER B 328 4.62 -2.61 15.81
N ALA B 329 4.61 -1.59 16.68
CA ALA B 329 3.37 -1.12 17.27
C ALA B 329 2.46 -0.45 16.23
N ASN B 330 3.05 0.17 15.21
CA ASN B 330 2.28 0.85 14.17
C ASN B 330 1.63 -0.11 13.18
N PHE B 331 1.87 -1.41 13.31
CA PHE B 331 1.17 -2.43 12.52
C PHE B 331 0.53 -3.46 13.43
N ASP B 332 0.20 -3.04 14.66
CA ASP B 332 -0.50 -3.90 15.61
C ASP B 332 -1.86 -4.28 15.05
N GLU B 333 -2.10 -5.59 14.91
CA GLU B 333 -3.33 -6.07 14.31
C GLU B 333 -4.56 -5.79 15.16
N GLU B 334 -4.39 -5.60 16.47
CA GLU B 334 -5.52 -5.34 17.35
C GLU B 334 -5.89 -3.87 17.41
N VAL B 335 -4.99 -2.98 17.05
CA VAL B 335 -5.27 -1.55 17.08
C VAL B 335 -5.77 -1.05 15.72
N PHE B 336 -5.19 -1.56 14.64
CA PHE B 336 -5.46 -1.07 13.30
C PHE B 336 -6.24 -2.10 12.50
N GLN B 337 -7.29 -1.64 11.83
CA GLN B 337 -7.97 -2.47 10.85
C GLN B 337 -7.21 -2.39 9.53
N ASP B 338 -6.76 -3.55 9.05
CA ASP B 338 -5.91 -3.67 7.87
C ASP B 338 -4.59 -2.95 8.09
N PRO B 339 -3.77 -3.37 9.06
CA PRO B 339 -2.52 -2.64 9.32
C PRO B 339 -1.57 -2.62 8.12
N PHE B 340 -1.61 -3.66 7.30
CA PHE B 340 -0.75 -3.75 6.12
C PHE B 340 -1.37 -3.12 4.88
N THR B 341 -2.48 -2.41 5.03
CA THR B 341 -3.05 -1.62 3.94
C THR B 341 -2.62 -0.17 4.12
N PHE B 342 -2.02 0.39 3.07
CA PHE B 342 -1.66 1.81 3.07
C PHE B 342 -2.91 2.61 2.73
N ASN B 343 -3.48 3.31 3.71
CA ASN B 343 -4.75 4.02 3.54
C ASN B 343 -4.59 5.45 4.04
N ILE B 344 -4.48 6.40 3.11
CA ILE B 344 -4.26 7.80 3.50
C ILE B 344 -5.51 8.46 4.05
N LEU B 345 -6.63 7.76 4.12
CA LEU B 345 -7.86 8.26 4.73
C LEU B 345 -8.05 7.76 6.15
N ARG B 346 -7.15 6.91 6.63
CA ARG B 346 -7.27 6.31 7.96
C ARG B 346 -7.53 7.38 9.01
N ASN B 347 -8.62 7.22 9.74
CA ASN B 347 -9.01 8.21 10.74
C ASN B 347 -10.02 7.61 11.71
N PRO B 348 -9.73 7.60 13.02
CA PRO B 348 -8.47 8.08 13.61
C PRO B 348 -7.28 7.17 13.31
N ASN B 349 -6.08 7.68 13.55
CA ASN B 349 -4.84 6.95 13.30
C ASN B 349 -3.99 7.05 14.56
N PRO B 350 -4.19 6.16 15.54
CA PRO B 350 -3.50 6.23 16.83
C PRO B 350 -2.07 5.68 16.78
N HIS B 351 -1.33 6.07 15.74
CA HIS B 351 0.01 5.55 15.55
C HIS B 351 0.98 6.17 16.56
N VAL B 352 2.10 5.49 16.75
CA VAL B 352 3.13 5.96 17.68
C VAL B 352 4.40 6.37 16.93
N GLY B 353 4.28 6.70 15.65
CA GLY B 353 5.44 7.19 14.91
C GLY B 353 6.08 8.39 15.56
N PHE B 354 5.30 9.20 16.26
CA PHE B 354 5.81 10.29 17.09
C PHE B 354 5.98 9.89 18.54
N GLY B 355 5.96 8.59 18.83
CA GLY B 355 6.08 8.09 20.18
C GLY B 355 4.75 7.99 20.89
N GLY B 356 4.72 7.19 21.95
CA GLY B 356 3.54 7.11 22.77
C GLY B 356 3.27 8.42 23.49
N THR B 357 1.99 8.68 23.75
CA THR B 357 1.61 9.91 24.45
C THR B 357 2.26 9.94 25.83
N GLY B 358 3.06 10.97 26.07
CA GLY B 358 3.73 11.08 27.35
C GLY B 358 4.48 12.39 27.45
N ALA B 359 5.43 12.45 28.38
CA ALA B 359 6.20 13.66 28.60
C ALA B 359 7.15 13.97 27.45
N HIS B 360 7.55 12.96 26.68
CA HIS B 360 8.55 13.14 25.62
C HIS B 360 7.93 13.15 24.22
N TYR B 361 6.61 13.12 24.10
CA TYR B 361 5.96 13.12 22.80
C TYR B 361 6.53 14.21 21.90
N CYS B 362 6.75 13.85 20.64
CA CYS B 362 7.49 14.72 19.72
C CYS B 362 6.90 16.10 19.68
N ILE B 363 7.69 17.09 20.11
CA ILE B 363 7.24 18.47 20.14
C ILE B 363 7.08 19.02 18.73
N GLY B 364 7.79 18.47 17.76
CA GLY B 364 7.72 18.89 16.38
C GLY B 364 6.78 18.09 15.49
N ALA B 365 5.90 17.27 16.06
CA ALA B 365 4.98 16.46 15.26
C ALA B 365 4.18 17.33 14.29
N ASN B 366 3.73 18.51 14.74
CA ASN B 366 2.95 19.37 13.87
C ASN B 366 3.82 20.01 12.79
N LEU B 367 5.02 20.46 13.16
CA LEU B 367 5.96 20.95 12.15
C LEU B 367 6.26 19.86 11.12
N ALA B 368 6.39 18.61 11.57
CA ALA B 368 6.66 17.50 10.67
C ALA B 368 5.48 17.29 9.72
N ARG B 369 4.27 17.17 10.26
CA ARG B 369 3.09 17.00 9.42
C ARG B 369 2.98 18.10 8.37
N MET B 370 3.21 19.35 8.80
CA MET B 370 3.19 20.46 7.87
C MET B 370 4.23 20.29 6.77
N THR B 371 5.45 19.92 7.18
CA THR B 371 6.50 19.64 6.20
C THR B 371 6.08 18.53 5.24
N ILE B 372 5.49 17.47 5.78
CA ILE B 372 5.10 16.33 4.95
C ILE B 372 4.03 16.75 3.93
N ASN B 373 3.02 17.48 4.39
CA ASN B 373 1.93 17.87 3.50
C ASN B 373 2.41 18.79 2.39
N LEU B 374 3.34 19.70 2.71
CA LEU B 374 3.78 20.68 1.72
C LEU B 374 4.57 20.03 0.60
N ILE B 375 5.46 19.08 0.92
CA ILE B 375 6.30 18.48 -0.11
C ILE B 375 5.49 17.55 -1.00
N PHE B 376 4.54 16.81 -0.43
CA PHE B 376 3.73 15.91 -1.25
C PHE B 376 2.72 16.69 -2.09
N ASN B 377 2.20 17.81 -1.59
CA ASN B 377 1.43 18.71 -2.43
C ASN B 377 2.29 19.22 -3.59
N ALA B 378 3.55 19.54 -3.32
CA ALA B 378 4.46 20.00 -4.36
C ALA B 378 4.80 18.88 -5.34
N VAL B 379 4.98 17.65 -4.85
CA VAL B 379 5.28 16.52 -5.74
C VAL B 379 4.08 16.23 -6.63
N ALA B 380 2.87 16.24 -6.06
CA ALA B 380 1.67 16.02 -6.85
C ALA B 380 1.47 17.13 -7.89
N ASP B 381 1.98 18.34 -7.61
CA ASP B 381 1.82 19.44 -8.55
C ASP B 381 2.79 19.35 -9.73
N HIS B 382 4.03 18.93 -9.47
CA HIS B 382 5.10 19.07 -10.45
C HIS B 382 5.55 17.76 -11.09
N MET B 383 5.31 16.62 -10.44
CA MET B 383 5.66 15.31 -11.01
C MET B 383 4.60 14.28 -10.66
N PRO B 384 3.37 14.47 -11.15
CA PRO B 384 2.30 13.52 -10.80
C PRO B 384 2.52 12.12 -11.34
N ASP B 385 3.39 11.93 -12.34
CA ASP B 385 3.58 10.64 -12.99
C ASP B 385 4.91 10.00 -12.63
N LEU B 386 5.56 10.45 -11.56
CA LEU B 386 6.87 9.92 -11.20
C LEU B 386 6.79 8.43 -10.89
N LYS B 387 7.84 7.71 -11.23
CA LYS B 387 7.92 6.27 -11.01
C LYS B 387 9.36 5.91 -10.64
N PRO B 388 9.53 4.92 -9.76
CA PRO B 388 10.88 4.56 -9.33
C PRO B 388 11.66 3.84 -10.42
N ILE B 389 12.98 4.01 -10.36
CA ILE B 389 13.89 3.39 -11.33
C ILE B 389 14.49 2.10 -10.79
N SER B 390 15.07 2.15 -9.59
CA SER B 390 15.72 0.99 -8.99
C SER B 390 15.35 0.92 -7.51
N ALA B 391 15.83 -0.14 -6.85
CA ALA B 391 15.49 -0.37 -5.46
C ALA B 391 16.17 0.66 -4.56
N PRO B 392 15.54 1.01 -3.43
CA PRO B 392 16.20 1.91 -2.47
C PRO B 392 17.30 1.19 -1.70
N GLU B 393 18.33 1.96 -1.35
CA GLU B 393 19.38 1.46 -0.48
C GLU B 393 19.06 1.84 0.96
N ARG B 394 19.05 0.86 1.84
CA ARG B 394 18.69 1.09 3.23
C ARG B 394 19.91 1.49 4.04
N LEU B 395 19.65 2.10 5.20
CA LEU B 395 20.70 2.60 6.08
C LEU B 395 20.99 1.58 7.18
N ARG B 396 22.26 1.27 7.37
CA ARG B 396 22.68 0.37 8.45
C ARG B 396 22.54 1.11 9.78
N SER B 397 21.49 0.79 10.53
CA SER B 397 21.25 1.43 11.81
C SER B 397 20.32 0.55 12.63
N GLY B 398 20.57 0.49 13.94
CA GLY B 398 19.75 -0.31 14.83
C GLY B 398 18.52 0.39 15.39
N TRP B 399 18.38 1.69 15.16
CA TRP B 399 17.23 2.45 15.68
C TRP B 399 16.63 3.41 14.67
N LEU B 400 17.38 3.90 13.70
CA LEU B 400 16.87 4.81 12.68
C LEU B 400 16.53 4.03 11.43
N ASN B 401 15.32 4.20 10.92
CA ASN B 401 14.87 3.55 9.69
C ASN B 401 15.13 4.51 8.55
N GLY B 402 16.24 4.30 7.84
CA GLY B 402 16.73 5.26 6.86
C GLY B 402 16.80 4.69 5.45
N ILE B 403 16.52 5.54 4.47
CA ILE B 403 16.77 5.26 3.07
C ILE B 403 17.85 6.23 2.59
N LYS B 404 19.02 5.69 2.21
CA LYS B 404 20.12 6.54 1.81
C LYS B 404 19.91 7.11 0.40
N HIS B 405 19.49 6.28 -0.55
CA HIS B 405 19.36 6.70 -1.93
C HIS B 405 18.20 5.95 -2.58
N TRP B 406 17.59 6.57 -3.58
CA TRP B 406 16.45 5.97 -4.28
C TRP B 406 16.32 6.65 -5.64
N GLN B 407 16.64 5.93 -6.70
CA GLN B 407 16.60 6.48 -8.05
C GLN B 407 15.18 6.48 -8.58
N VAL B 408 14.72 7.64 -9.06
CA VAL B 408 13.33 7.83 -9.47
C VAL B 408 13.31 8.60 -10.79
N ASP B 409 12.40 8.21 -11.69
CA ASP B 409 12.13 8.97 -12.91
C ASP B 409 10.95 9.90 -12.61
N TYR B 410 11.21 11.21 -12.60
CA TYR B 410 10.18 12.18 -12.24
C TYR B 410 9.16 12.42 -13.34
N THR B 411 9.46 12.07 -14.59
CA THR B 411 8.57 12.34 -15.70
C THR B 411 7.76 11.13 -16.15
N GLY B 412 8.20 9.92 -15.84
CA GLY B 412 7.49 8.72 -16.26
C GLY B 412 7.84 8.28 -17.67
N SER C 4 -4.41 -20.70 9.73
CA SER C 4 -3.94 -19.88 8.62
C SER C 4 -2.64 -19.18 9.01
N PRO C 5 -1.67 -19.18 8.10
CA PRO C 5 -0.35 -18.63 8.43
C PRO C 5 -0.40 -17.13 8.62
N ASN C 6 0.41 -16.65 9.58
CA ASN C 6 0.47 -15.23 9.93
C ASN C 6 1.30 -14.48 8.89
N LEU C 7 0.68 -14.28 7.73
CA LEU C 7 1.29 -13.58 6.61
C LEU C 7 0.45 -12.38 6.23
N PRO C 8 1.07 -11.33 5.67
CA PRO C 8 0.29 -10.20 5.19
C PRO C 8 -0.62 -10.64 4.05
N PRO C 9 -1.75 -9.96 3.87
CA PRO C 9 -2.67 -10.33 2.78
C PRO C 9 -2.03 -10.11 1.42
N GLY C 10 -2.19 -11.09 0.53
CA GLY C 10 -1.69 -11.00 -0.82
C GLY C 10 -0.23 -11.39 -1.01
N PHE C 11 0.38 -12.05 -0.02
CA PHE C 11 1.79 -12.41 -0.13
C PHE C 11 2.01 -13.42 -1.25
N ASP C 12 3.08 -13.22 -2.02
CA ASP C 12 3.45 -14.11 -3.11
C ASP C 12 4.93 -14.45 -2.96
N PHE C 13 5.23 -15.73 -2.76
CA PHE C 13 6.60 -16.16 -2.55
C PHE C 13 7.40 -16.21 -3.84
N THR C 14 6.81 -15.85 -4.98
CA THR C 14 7.54 -15.72 -6.24
C THR C 14 7.63 -14.28 -6.70
N ASP C 15 7.22 -13.33 -5.86
CA ASP C 15 7.28 -11.90 -6.18
C ASP C 15 8.73 -11.47 -6.31
N PRO C 16 9.19 -11.05 -7.49
CA PRO C 16 10.60 -10.62 -7.61
C PRO C 16 10.94 -9.42 -6.75
N ALA C 17 9.95 -8.63 -6.32
CA ALA C 17 10.23 -7.47 -5.49
C ALA C 17 10.77 -7.86 -4.12
N ILE C 18 10.32 -9.01 -3.59
CA ILE C 18 10.84 -9.48 -2.31
C ILE C 18 12.33 -9.77 -2.42
N TYR C 19 12.70 -10.60 -3.40
CA TYR C 19 14.08 -11.06 -3.52
C TYR C 19 15.03 -9.96 -3.97
N ALA C 20 14.52 -8.87 -4.55
CA ALA C 20 15.36 -7.72 -4.82
C ALA C 20 15.82 -7.05 -3.53
N GLU C 21 15.16 -7.31 -2.42
CA GLU C 21 15.50 -6.72 -1.13
C GLU C 21 15.98 -7.73 -0.11
N ARG C 22 15.36 -8.91 -0.05
CA ARG C 22 15.69 -9.86 1.00
CA ARG C 22 15.69 -9.86 1.00
C ARG C 22 15.21 -11.25 0.61
N LEU C 23 15.73 -12.24 1.31
CA LEU C 23 15.23 -13.60 1.25
C LEU C 23 14.17 -13.77 2.33
N PRO C 24 12.94 -14.18 1.99
CA PRO C 24 11.87 -14.22 3.00
C PRO C 24 12.01 -15.40 3.96
N VAL C 25 13.06 -15.35 4.78
CA VAL C 25 13.37 -16.47 5.68
C VAL C 25 12.24 -16.65 6.70
N ALA C 26 11.91 -15.59 7.42
CA ALA C 26 10.91 -15.69 8.48
C ALA C 26 9.56 -16.11 7.93
N GLU C 27 9.22 -15.62 6.73
CA GLU C 27 7.96 -16.02 6.09
C GLU C 27 7.98 -17.49 5.71
N PHE C 28 9.10 -17.98 5.19
CA PHE C 28 9.23 -19.42 4.92
C PHE C 28 9.12 -20.22 6.21
N ALA C 29 9.68 -19.71 7.31
CA ALA C 29 9.61 -20.44 8.57
C ALA C 29 8.21 -20.42 9.16
N GLU C 30 7.41 -19.40 8.82
CA GLU C 30 6.03 -19.36 9.29
C GLU C 30 5.18 -20.41 8.58
N LEU C 31 5.44 -20.67 7.30
CA LEU C 31 4.72 -21.72 6.60
C LEU C 31 5.12 -23.10 7.11
N ARG C 32 6.43 -23.35 7.26
CA ARG C 32 6.89 -24.63 7.78
C ARG C 32 6.26 -24.96 9.13
N SER C 33 5.93 -23.94 9.91
CA SER C 33 5.33 -24.12 11.23
C SER C 33 3.82 -24.28 11.17
N ALA C 34 3.14 -23.49 10.34
CA ALA C 34 1.68 -23.43 10.35
C ALA C 34 1.01 -24.04 9.13
N ALA C 35 1.66 -24.02 7.96
CA ALA C 35 1.07 -24.56 6.73
C ALA C 35 2.18 -25.06 5.83
N PRO C 36 2.71 -26.26 6.11
CA PRO C 36 3.82 -26.78 5.29
C PRO C 36 3.48 -26.85 3.81
N ILE C 37 2.22 -27.00 3.46
CA ILE C 37 1.74 -26.90 2.08
C ILE C 37 0.62 -25.88 2.07
N TRP C 38 0.80 -24.81 1.32
CA TRP C 38 -0.09 -23.65 1.40
C TRP C 38 -0.37 -23.13 0.00
N TRP C 39 -1.66 -22.96 -0.32
CA TRP C 39 -2.05 -22.43 -1.62
C TRP C 39 -1.68 -20.96 -1.71
N ASN C 40 -0.79 -20.64 -2.65
CA ASN C 40 -0.34 -19.27 -2.90
C ASN C 40 -1.19 -18.68 -4.01
N GLY C 41 -2.25 -17.95 -3.64
CA GLY C 41 -3.11 -17.36 -4.64
C GLY C 41 -2.45 -16.15 -5.29
N GLN C 42 -2.62 -16.04 -6.61
CA GLN C 42 -2.09 -14.93 -7.39
C GLN C 42 -3.24 -14.26 -8.12
N ASP C 43 -3.16 -12.93 -8.21
CA ASP C 43 -4.19 -12.14 -8.86
C ASP C 43 -4.10 -12.26 -10.38
N PRO C 44 -5.18 -11.95 -11.10
CA PRO C 44 -5.12 -11.98 -12.57
C PRO C 44 -4.08 -11.01 -13.10
N GLY C 45 -3.27 -11.50 -14.04
CA GLY C 45 -2.19 -10.71 -14.58
C GLY C 45 -1.01 -10.50 -13.65
N LYS C 46 -0.92 -11.27 -12.56
CA LYS C 46 0.18 -11.19 -11.62
C LYS C 46 0.73 -12.56 -11.28
N GLY C 47 0.61 -13.51 -12.21
CA GLY C 47 1.12 -14.85 -12.05
C GLY C 47 2.44 -15.13 -12.69
N GLY C 48 3.16 -14.11 -13.16
CA GLY C 48 4.45 -14.32 -13.79
C GLY C 48 4.40 -15.16 -15.05
N GLY C 49 3.41 -14.92 -15.91
CA GLY C 49 3.24 -15.69 -17.12
C GLY C 49 2.26 -16.85 -17.02
N PHE C 50 1.73 -17.11 -15.83
CA PHE C 50 0.76 -18.17 -15.63
C PHE C 50 -0.53 -17.57 -15.09
N HIS C 51 -1.66 -18.09 -15.57
CA HIS C 51 -2.97 -17.53 -15.26
C HIS C 51 -3.91 -18.61 -14.75
N ASP C 52 -3.42 -19.41 -13.79
CA ASP C 52 -4.20 -20.48 -13.19
C ASP C 52 -4.66 -20.15 -11.78
N GLY C 53 -4.52 -18.89 -11.35
CA GLY C 53 -4.97 -18.47 -10.04
C GLY C 53 -3.93 -18.57 -8.94
N GLY C 54 -2.93 -19.43 -9.09
CA GLY C 54 -1.90 -19.55 -8.08
C GLY C 54 -1.21 -20.89 -8.15
N PHE C 55 -0.49 -21.20 -7.08
CA PHE C 55 0.30 -22.42 -7.01
C PHE C 55 0.32 -22.92 -5.57
N TRP C 56 0.89 -24.10 -5.39
CA TRP C 56 1.02 -24.73 -4.08
C TRP C 56 2.45 -24.52 -3.58
N ALA C 57 2.59 -23.82 -2.45
CA ALA C 57 3.89 -23.59 -1.86
C ALA C 57 4.37 -24.85 -1.16
N ILE C 58 5.52 -25.36 -1.57
CA ILE C 58 6.14 -26.55 -0.97
C ILE C 58 7.36 -26.09 -0.19
N THR C 59 7.33 -26.30 1.13
CA THR C 59 8.33 -25.73 2.02
C THR C 59 9.10 -26.76 2.84
N LYS C 60 8.60 -27.98 2.99
CA LYS C 60 9.30 -29.01 3.75
C LYS C 60 10.21 -29.82 2.84
N LEU C 61 11.36 -30.23 3.37
CA LEU C 61 12.33 -30.95 2.56
C LEU C 61 11.78 -32.29 2.09
N ASN C 62 11.11 -33.03 2.97
CA ASN C 62 10.54 -34.31 2.59
C ASN C 62 9.54 -34.15 1.46
N ASP C 63 8.71 -33.10 1.51
CA ASP C 63 7.75 -32.85 0.45
C ASP C 63 8.45 -32.53 -0.87
N VAL C 64 9.51 -31.74 -0.81
CA VAL C 64 10.26 -31.40 -2.03
C VAL C 64 10.83 -32.66 -2.67
N LYS C 65 11.40 -33.56 -1.85
CA LYS C 65 11.98 -34.79 -2.37
C LYS C 65 10.93 -35.67 -3.04
N GLU C 66 9.77 -35.84 -2.39
CA GLU C 66 8.74 -36.70 -2.94
C GLU C 66 8.28 -36.24 -4.32
N ILE C 67 8.14 -34.92 -4.50
CA ILE C 67 7.73 -34.39 -5.80
C ILE C 67 8.81 -34.66 -6.84
N SER C 68 10.09 -34.55 -6.46
CA SER C 68 11.17 -34.78 -7.41
C SER C 68 11.29 -36.24 -7.79
N ARG C 69 11.06 -37.16 -6.83
CA ARG C 69 11.11 -38.57 -7.14
C ARG C 69 9.98 -38.99 -8.07
N HIS C 70 8.75 -38.59 -7.74
CA HIS C 70 7.57 -38.93 -8.54
C HIS C 70 7.51 -38.00 -9.76
N SER C 71 8.49 -38.19 -10.65
CA SER C 71 8.48 -37.44 -11.91
C SER C 71 7.32 -37.87 -12.80
N ASP C 72 6.88 -39.12 -12.68
CA ASP C 72 5.77 -39.62 -13.49
C ASP C 72 4.47 -38.87 -13.23
N VAL C 73 4.33 -38.24 -12.07
CA VAL C 73 3.13 -37.50 -11.73
C VAL C 73 3.36 -35.99 -11.81
N PHE C 74 4.53 -35.53 -11.39
CA PHE C 74 4.85 -34.10 -11.34
C PHE C 74 5.79 -33.77 -12.48
N SER C 75 5.29 -33.04 -13.46
CA SER C 75 5.94 -32.86 -14.75
C SER C 75 6.73 -31.56 -14.79
N SER C 76 7.75 -31.55 -15.65
CA SER C 76 8.50 -30.35 -15.98
C SER C 76 8.13 -29.78 -17.34
N TYR C 77 7.46 -30.57 -18.18
CA TYR C 77 7.20 -30.17 -19.56
C TYR C 77 5.94 -29.33 -19.69
N GLU C 78 4.92 -29.61 -18.87
CA GLU C 78 3.61 -29.00 -19.05
C GLU C 78 3.70 -27.48 -18.97
N ASN C 79 4.40 -26.95 -17.96
CA ASN C 79 4.50 -25.51 -17.78
C ASN C 79 5.93 -25.05 -17.55
N GLY C 80 6.93 -25.90 -17.77
CA GLY C 80 8.29 -25.55 -17.44
C GLY C 80 8.52 -25.63 -15.94
N VAL C 81 9.77 -25.39 -15.54
CA VAL C 81 10.12 -25.43 -14.14
C VAL C 81 10.35 -24.04 -13.55
N ILE C 82 10.56 -23.03 -14.39
CA ILE C 82 10.76 -21.68 -13.90
C ILE C 82 9.41 -21.16 -13.42
N PRO C 83 9.30 -20.74 -12.16
CA PRO C 83 8.01 -20.31 -11.60
C PRO C 83 7.66 -18.85 -11.77
N ARG C 84 8.48 -18.06 -12.47
CA ARG C 84 8.19 -16.63 -12.60
C ARG C 84 8.91 -16.06 -13.81
N PHE C 85 8.16 -15.47 -14.72
CA PHE C 85 8.68 -14.63 -15.79
C PHE C 85 8.10 -13.24 -15.65
N LYS C 86 8.32 -12.41 -16.66
CA LYS C 86 7.58 -11.15 -16.75
C LYS C 86 6.09 -11.45 -16.81
N ASN C 87 5.29 -10.58 -16.18
CA ASN C 87 3.85 -10.83 -16.14
C ASN C 87 3.24 -10.89 -17.52
N ASP C 88 3.83 -10.18 -18.49
CA ASP C 88 3.30 -10.06 -19.84
C ASP C 88 4.04 -10.93 -20.85
N ILE C 89 4.58 -12.06 -20.42
CA ILE C 89 5.29 -12.95 -21.34
C ILE C 89 4.27 -13.74 -22.15
N ALA C 90 4.49 -13.81 -23.47
CA ALA C 90 3.63 -14.63 -24.31
C ALA C 90 3.81 -16.10 -23.95
N ARG C 91 2.76 -16.88 -24.21
CA ARG C 91 2.80 -18.30 -23.85
C ARG C 91 3.90 -19.04 -24.60
N GLU C 92 4.05 -18.77 -25.90
CA GLU C 92 5.03 -19.50 -26.69
C GLU C 92 6.45 -19.31 -26.17
N ASP C 93 6.76 -18.13 -25.61
CA ASP C 93 8.07 -17.92 -25.02
C ASP C 93 8.32 -18.87 -23.85
N ILE C 94 7.27 -19.28 -23.16
CA ILE C 94 7.41 -20.30 -22.12
C ILE C 94 7.56 -21.68 -22.73
N GLU C 95 6.73 -22.00 -23.73
CA GLU C 95 6.77 -23.32 -24.36
C GLU C 95 8.04 -23.56 -25.16
N VAL C 96 8.75 -22.51 -25.55
CA VAL C 96 10.00 -22.68 -26.28
C VAL C 96 11.09 -23.26 -25.38
N GLN C 97 10.92 -23.18 -24.06
CA GLN C 97 11.89 -23.79 -23.15
C GLN C 97 11.80 -25.30 -23.13
N ARG C 98 10.81 -25.89 -23.78
CA ARG C 98 10.70 -27.34 -23.88
C ARG C 98 11.81 -27.93 -24.74
N PHE C 99 12.44 -27.13 -25.59
CA PHE C 99 13.60 -27.58 -26.36
C PHE C 99 14.83 -27.81 -25.48
N VAL C 100 14.76 -27.46 -24.21
CA VAL C 100 15.85 -27.65 -23.26
C VAL C 100 15.52 -28.84 -22.38
N MET C 101 16.53 -29.67 -22.08
CA MET C 101 16.34 -30.92 -21.36
C MET C 101 15.73 -30.71 -19.98
N LEU C 102 16.00 -29.58 -19.33
CA LEU C 102 15.44 -29.31 -18.01
C LEU C 102 13.92 -29.36 -18.01
N ASN C 103 13.29 -28.96 -19.13
CA ASN C 103 11.84 -28.89 -19.23
C ASN C 103 11.27 -30.03 -20.07
N MET C 104 11.95 -31.17 -20.09
CA MET C 104 11.45 -32.36 -20.77
C MET C 104 11.05 -33.41 -19.75
N ASP C 105 10.06 -34.21 -20.12
CA ASP C 105 9.69 -35.39 -19.36
C ASP C 105 10.11 -36.64 -20.12
N ALA C 106 10.17 -37.76 -19.40
CA ALA C 106 10.44 -39.04 -20.03
C ALA C 106 9.40 -39.33 -21.10
N PRO C 107 9.76 -40.08 -22.16
CA PRO C 107 11.07 -40.69 -22.39
C PRO C 107 12.08 -39.77 -23.06
N HIS C 108 11.62 -38.60 -23.53
CA HIS C 108 12.54 -37.68 -24.21
C HIS C 108 13.68 -37.26 -23.29
N HIS C 109 13.36 -36.82 -22.07
CA HIS C 109 14.39 -36.40 -21.13
C HIS C 109 15.36 -37.54 -20.82
N THR C 110 14.85 -38.78 -20.75
CA THR C 110 15.70 -39.92 -20.42
C THR C 110 16.78 -40.13 -21.47
N ARG C 111 16.44 -39.90 -22.74
CA ARG C 111 17.41 -40.12 -23.82
C ARG C 111 18.53 -39.09 -23.77
N LEU C 112 18.18 -37.81 -23.73
CA LEU C 112 19.19 -36.76 -23.68
C LEU C 112 20.09 -36.90 -22.45
N ARG C 113 19.48 -37.14 -21.29
CA ARG C 113 20.25 -37.31 -20.06
C ARG C 113 21.28 -38.42 -20.19
N LYS C 114 20.91 -39.54 -20.83
CA LYS C 114 21.84 -40.63 -21.02
C LYS C 114 23.04 -40.20 -21.88
N ILE C 115 22.80 -39.39 -22.91
CA ILE C 115 23.90 -38.97 -23.77
C ILE C 115 24.73 -37.88 -23.10
N ILE C 116 24.06 -36.93 -22.45
CA ILE C 116 24.76 -35.81 -21.81
C ILE C 116 25.54 -36.28 -20.59
N SER C 117 25.09 -37.35 -19.94
CA SER C 117 25.77 -37.85 -18.75
C SER C 117 27.22 -38.25 -19.03
N ARG C 118 27.56 -38.49 -20.30
CA ARG C 118 28.91 -38.89 -20.66
C ARG C 118 29.93 -37.78 -20.39
N GLY C 119 29.50 -36.53 -20.45
CA GLY C 119 30.38 -35.40 -20.22
C GLY C 119 30.45 -34.91 -18.81
N PHE C 120 29.77 -35.57 -17.86
CA PHE C 120 29.79 -35.16 -16.47
C PHE C 120 30.18 -36.31 -15.53
N THR C 121 30.76 -37.38 -16.09
CA THR C 121 31.31 -38.45 -15.28
C THR C 121 32.37 -37.90 -14.32
N PRO C 122 32.61 -38.57 -13.18
CA PRO C 122 33.66 -38.10 -12.26
C PRO C 122 35.00 -37.82 -12.93
N ARG C 123 35.29 -38.48 -14.05
CA ARG C 123 36.58 -38.33 -14.72
C ARG C 123 36.61 -37.15 -15.69
N ALA C 124 35.58 -37.02 -16.53
CA ALA C 124 35.50 -35.86 -17.41
C ALA C 124 35.60 -34.57 -16.61
N VAL C 125 34.83 -34.48 -15.53
CA VAL C 125 34.96 -33.36 -14.59
C VAL C 125 36.37 -33.30 -14.05
N GLY C 126 36.93 -34.47 -13.68
CA GLY C 126 38.28 -34.50 -13.13
C GLY C 126 39.34 -33.96 -14.08
N ARG C 127 39.16 -34.17 -15.38
CA ARG C 127 40.13 -33.69 -16.35
C ARG C 127 40.24 -32.16 -16.37
N LEU C 128 39.20 -31.46 -15.92
CA LEU C 128 39.22 -30.01 -15.84
C LEU C 128 39.87 -29.48 -14.56
N HIS C 129 40.27 -30.37 -13.63
CA HIS C 129 40.73 -29.92 -12.33
C HIS C 129 41.96 -29.04 -12.43
N ASP C 130 42.94 -29.45 -13.23
CA ASP C 130 44.23 -28.75 -13.26
C ASP C 130 44.07 -27.34 -13.83
N GLU C 131 43.34 -27.20 -14.94
CA GLU C 131 43.21 -25.89 -15.56
C GLU C 131 42.37 -24.95 -14.70
N LEU C 132 41.35 -25.48 -14.02
CA LEU C 132 40.51 -24.63 -13.17
C LEU C 132 41.22 -24.24 -11.89
N GLN C 133 42.05 -25.14 -11.35
CA GLN C 133 42.86 -24.78 -10.18
C GLN C 133 43.88 -23.71 -10.53
N GLU C 134 44.49 -23.80 -11.72
CA GLU C 134 45.43 -22.77 -12.15
C GLU C 134 44.73 -21.41 -12.26
N ARG C 135 43.56 -21.38 -12.90
CA ARG C 135 42.88 -20.10 -13.08
C ARG C 135 42.24 -19.61 -11.78
N ALA C 136 41.86 -20.54 -10.89
CA ALA C 136 41.37 -20.13 -9.58
C ALA C 136 42.44 -19.39 -8.80
N GLN C 137 43.67 -19.92 -8.79
CA GLN C 137 44.77 -19.22 -8.13
C GLN C 137 45.08 -17.91 -8.83
N LYS C 138 45.02 -17.88 -10.16
CA LYS C 138 45.26 -16.65 -10.89
C LYS C 138 44.20 -15.61 -10.59
N ILE C 139 42.92 -16.01 -10.58
CA ILE C 139 41.84 -15.09 -10.22
C ILE C 139 42.04 -14.56 -8.80
N ALA C 140 42.37 -15.47 -7.87
CA ALA C 140 42.53 -15.06 -6.48
C ALA C 140 43.69 -14.10 -6.29
N ALA C 141 44.81 -14.35 -6.99
CA ALA C 141 45.97 -13.47 -6.85
C ALA C 141 45.67 -12.09 -7.42
N GLU C 142 44.95 -12.02 -8.54
CA GLU C 142 44.69 -10.73 -9.18
C GLU C 142 43.75 -9.87 -8.34
N ALA C 143 42.71 -10.49 -7.74
CA ALA C 143 41.81 -9.73 -6.87
C ALA C 143 42.53 -9.27 -5.61
N ALA C 144 43.40 -10.13 -5.05
CA ALA C 144 44.16 -9.73 -3.88
C ALA C 144 45.07 -8.55 -4.19
N ALA C 145 45.71 -8.55 -5.36
CA ALA C 145 46.60 -7.46 -5.75
C ALA C 145 45.86 -6.17 -6.07
N ALA C 146 44.53 -6.23 -6.29
CA ALA C 146 43.74 -5.03 -6.51
C ALA C 146 43.35 -4.34 -5.23
N GLY C 147 43.59 -4.97 -4.07
CA GLY C 147 43.27 -4.36 -2.79
C GLY C 147 41.81 -4.48 -2.40
N SER C 148 40.92 -3.98 -3.25
CA SER C 148 39.50 -3.99 -2.97
C SER C 148 38.74 -3.88 -4.28
N GLY C 149 37.49 -4.36 -4.24
CA GLY C 149 36.65 -4.28 -5.41
C GLY C 149 35.38 -5.09 -5.22
N ASP C 150 34.69 -5.33 -6.33
CA ASP C 150 33.44 -6.08 -6.34
C ASP C 150 33.76 -7.57 -6.35
N PHE C 151 33.49 -8.24 -5.22
CA PHE C 151 33.75 -9.67 -5.11
C PHE C 151 33.05 -10.47 -6.20
N VAL C 152 31.87 -10.04 -6.62
CA VAL C 152 31.11 -10.79 -7.62
C VAL C 152 31.86 -10.80 -8.95
N GLU C 153 32.37 -9.64 -9.37
CA GLU C 153 33.03 -9.55 -10.68
C GLU C 153 34.43 -10.13 -10.64
N GLN C 154 35.17 -9.92 -9.55
CA GLN C 154 36.58 -10.24 -9.49
C GLN C 154 36.88 -11.64 -8.99
N VAL C 155 35.92 -12.34 -8.39
CA VAL C 155 36.17 -13.66 -7.81
C VAL C 155 35.14 -14.68 -8.27
N SER C 156 33.86 -14.30 -8.21
CA SER C 156 32.77 -15.25 -8.41
C SER C 156 32.42 -15.48 -9.87
N CYS C 157 32.59 -14.49 -10.74
CA CYS C 157 31.99 -14.53 -12.06
C CYS C 157 32.76 -15.45 -13.01
N GLU C 158 34.08 -15.33 -13.06
CA GLU C 158 34.84 -15.90 -14.17
C GLU C 158 34.99 -17.42 -14.08
N LEU C 159 35.32 -17.94 -12.90
CA LEU C 159 35.63 -19.37 -12.80
C LEU C 159 34.49 -20.28 -13.24
N PRO C 160 33.22 -20.04 -12.87
CA PRO C 160 32.15 -20.89 -13.43
C PRO C 160 32.06 -20.82 -14.94
N LEU C 161 32.28 -19.63 -15.53
CA LEU C 161 32.25 -19.50 -16.97
C LEU C 161 33.39 -20.28 -17.63
N GLN C 162 34.57 -20.27 -17.00
CA GLN C 162 35.69 -21.04 -17.54
C GLN C 162 35.45 -22.54 -17.40
N ALA C 163 34.78 -22.97 -16.32
CA ALA C 163 34.39 -24.37 -16.21
C ALA C 163 33.52 -24.80 -17.38
N ILE C 164 32.62 -23.91 -17.81
CA ILE C 164 31.77 -24.21 -18.96
C ILE C 164 32.60 -24.24 -20.24
N ALA C 165 33.46 -23.25 -20.44
CA ALA C 165 34.25 -23.18 -21.67
C ALA C 165 35.21 -24.36 -21.79
N GLY C 166 35.76 -24.83 -20.67
CA GLY C 166 36.67 -25.96 -20.72
C GLY C 166 35.97 -27.26 -21.07
N LEU C 167 34.79 -27.51 -20.49
CA LEU C 167 34.03 -28.70 -20.83
C LEU C 167 33.73 -28.77 -22.31
N LEU C 168 33.50 -27.63 -22.94
CA LEU C 168 33.14 -27.56 -24.35
C LEU C 168 34.34 -27.33 -25.26
N GLY C 169 35.53 -27.09 -24.71
CA GLY C 169 36.71 -26.87 -25.52
C GLY C 169 36.67 -25.61 -26.37
N VAL C 170 36.02 -24.57 -25.89
CA VAL C 170 35.93 -23.31 -26.64
C VAL C 170 37.33 -22.70 -26.76
N PRO C 171 37.76 -22.28 -27.94
CA PRO C 171 39.07 -21.63 -28.06
C PRO C 171 39.12 -20.36 -27.23
N GLN C 172 40.33 -20.01 -26.79
CA GLN C 172 40.50 -18.86 -25.91
C GLN C 172 39.97 -17.58 -26.56
N GLU C 173 40.12 -17.45 -27.88
CA GLU C 173 39.71 -16.24 -28.58
C GLU C 173 38.19 -16.10 -28.65
N ASP C 174 37.45 -17.18 -28.45
CA ASP C 174 35.98 -17.14 -28.52
C ASP C 174 35.33 -17.03 -27.15
N ARG C 175 36.07 -17.21 -26.06
CA ARG C 175 35.49 -17.18 -24.73
C ARG C 175 34.95 -15.81 -24.36
N GLY C 176 35.46 -14.75 -24.99
CA GLY C 176 34.93 -13.42 -24.71
C GLY C 176 33.47 -13.29 -25.10
N LYS C 177 33.13 -13.63 -26.35
CA LYS C 177 31.75 -13.53 -26.78
C LYS C 177 30.88 -14.62 -26.19
N LEU C 178 31.46 -15.79 -25.92
CA LEU C 178 30.72 -16.85 -25.22
C LEU C 178 30.26 -16.37 -23.85
N PHE C 179 31.18 -15.79 -23.08
CA PHE C 179 30.81 -15.27 -21.76
C PHE C 179 29.78 -14.16 -21.87
N HIS C 180 29.84 -13.37 -22.95
CA HIS C 180 28.92 -12.25 -23.11
C HIS C 180 27.48 -12.74 -23.24
N TRP C 181 27.24 -13.75 -24.08
CA TRP C 181 25.88 -14.24 -24.29
C TRP C 181 25.37 -14.99 -23.08
N SER C 182 26.24 -15.72 -22.39
CA SER C 182 25.82 -16.50 -21.23
C SER C 182 25.38 -15.60 -20.08
N ASN C 183 25.97 -14.41 -19.96
CA ASN C 183 25.58 -13.48 -18.92
C ASN C 183 24.32 -12.71 -19.26
N GLU C 184 23.98 -12.59 -20.55
CA GLU C 184 22.77 -11.92 -20.99
C GLU C 184 21.57 -12.86 -21.07
N MET C 185 21.63 -14.01 -20.40
CA MET C 185 20.52 -14.95 -20.41
C MET C 185 19.62 -14.83 -19.18
N THR C 186 20.15 -14.40 -18.05
CA THR C 186 19.39 -14.29 -16.82
C THR C 186 19.57 -12.91 -16.19
N GLY C 187 18.53 -12.46 -15.50
CA GLY C 187 18.54 -11.18 -14.83
C GLY C 187 17.77 -10.07 -15.51
N ASN C 188 17.09 -10.37 -16.63
CA ASN C 188 16.42 -9.33 -17.41
C ASN C 188 15.30 -8.64 -16.64
N GLU C 189 14.83 -9.22 -15.54
CA GLU C 189 13.79 -8.62 -14.74
C GLU C 189 14.32 -7.63 -13.71
N ASP C 190 15.63 -7.54 -13.53
CA ASP C 190 16.21 -6.52 -12.67
C ASP C 190 16.42 -5.23 -13.47
N PRO C 191 16.17 -4.07 -12.86
CA PRO C 191 16.38 -2.81 -13.59
C PRO C 191 17.79 -2.61 -14.12
N GLU C 192 18.79 -3.21 -13.46
CA GLU C 192 20.16 -3.09 -13.95
C GLU C 192 20.38 -3.84 -15.25
N TYR C 193 19.55 -4.83 -15.57
CA TYR C 193 19.71 -5.62 -16.78
C TYR C 193 18.47 -5.58 -17.67
N ALA C 194 17.74 -4.46 -17.65
CA ALA C 194 16.56 -4.34 -18.50
C ALA C 194 16.90 -4.27 -19.98
N HIS C 195 18.18 -4.10 -20.32
CA HIS C 195 18.59 -3.97 -21.71
C HIS C 195 18.91 -5.29 -22.38
N ILE C 196 19.13 -6.37 -21.61
CA ILE C 196 19.58 -7.62 -22.22
C ILE C 196 18.41 -8.27 -22.96
N ASP C 197 18.75 -9.01 -24.02
CA ASP C 197 17.78 -9.67 -24.90
C ASP C 197 18.01 -11.17 -24.82
N PRO C 198 17.39 -11.86 -23.87
CA PRO C 198 17.61 -13.32 -23.75
C PRO C 198 17.34 -14.08 -25.03
N LYS C 199 16.46 -13.58 -25.89
CA LYS C 199 16.19 -14.27 -27.16
C LYS C 199 17.36 -14.12 -28.12
N ALA C 200 17.91 -12.91 -28.23
CA ALA C 200 19.03 -12.69 -29.15
C ALA C 200 20.26 -13.48 -28.72
N SER C 201 20.54 -13.52 -27.41
CA SER C 201 21.68 -14.29 -26.93
C SER C 201 21.49 -15.78 -27.13
N SER C 202 20.25 -16.27 -27.01
CA SER C 202 19.99 -17.68 -27.30
C SER C 202 20.32 -18.00 -28.75
N ALA C 203 19.89 -17.14 -29.68
CA ALA C 203 20.17 -17.36 -31.09
C ALA C 203 21.68 -17.42 -31.34
N GLU C 204 22.45 -16.56 -30.68
CA GLU C 204 23.89 -16.54 -30.90
C GLU C 204 24.56 -17.79 -30.35
N LEU C 205 24.19 -18.20 -29.13
CA LEU C 205 24.76 -19.40 -28.54
C LEU C 205 24.46 -20.63 -29.38
N ILE C 206 23.23 -20.71 -29.92
CA ILE C 206 22.87 -21.86 -30.74
C ILE C 206 23.66 -21.88 -32.04
N GLY C 207 23.76 -20.73 -32.71
CA GLY C 207 24.52 -20.67 -33.96
C GLY C 207 25.98 -21.05 -33.76
N TYR C 208 26.59 -20.59 -32.67
CA TYR C 208 27.98 -20.94 -32.40
C TYR C 208 28.14 -22.42 -32.10
N ALA C 209 27.19 -22.99 -31.34
CA ALA C 209 27.25 -24.40 -30.96
C ALA C 209 27.14 -25.30 -32.18
N MET C 210 26.22 -24.98 -33.10
CA MET C 210 26.01 -25.83 -34.26
C MET C 210 27.22 -25.79 -35.19
N LYS C 211 27.83 -24.62 -35.34
CA LYS C 211 29.07 -24.53 -36.12
C LYS C 211 30.16 -25.40 -35.50
N MET C 212 30.26 -25.38 -34.16
CA MET C 212 31.22 -26.26 -33.49
C MET C 212 30.89 -27.73 -33.71
N ALA C 213 29.61 -28.07 -33.80
CA ALA C 213 29.22 -29.46 -34.04
C ALA C 213 29.61 -29.90 -35.44
N GLU C 214 29.42 -29.03 -36.43
CA GLU C 214 29.83 -29.36 -37.79
C GLU C 214 31.34 -29.51 -37.91
N GLU C 215 32.09 -28.69 -37.16
CA GLU C 215 33.55 -28.78 -37.20
C GLU C 215 34.05 -30.07 -36.55
N LYS C 216 33.46 -30.45 -35.42
CA LYS C 216 33.84 -31.72 -34.79
C LYS C 216 33.47 -32.90 -35.67
N ALA C 217 32.43 -32.76 -36.50
CA ALA C 217 32.08 -33.83 -37.43
C ALA C 217 33.14 -33.97 -38.52
N LYS C 218 33.71 -32.84 -38.96
CA LYS C 218 34.74 -32.89 -39.99
C LYS C 218 36.11 -33.25 -39.42
N ASN C 219 36.41 -32.82 -38.20
CA ASN C 219 37.69 -33.05 -37.55
C ASN C 219 37.47 -33.57 -36.14
N PRO C 220 37.13 -34.86 -35.99
CA PRO C 220 36.86 -35.40 -34.65
C PRO C 220 38.11 -35.43 -33.79
N ALA C 221 37.90 -35.29 -32.48
CA ALA C 221 39.00 -35.29 -31.52
C ALA C 221 38.52 -35.90 -30.21
N ASP C 222 39.48 -36.31 -29.38
CA ASP C 222 39.14 -36.96 -28.10
C ASP C 222 38.78 -35.90 -27.06
N ASP C 223 37.63 -35.27 -27.29
CA ASP C 223 37.12 -34.26 -26.36
C ASP C 223 35.67 -34.58 -26.00
N ILE C 224 34.95 -33.61 -25.46
CA ILE C 224 33.59 -33.86 -24.99
C ILE C 224 32.57 -33.64 -26.11
N VAL C 225 32.74 -32.56 -26.89
CA VAL C 225 31.82 -32.26 -27.97
C VAL C 225 31.79 -33.39 -29.00
N THR C 226 32.92 -34.06 -29.21
CA THR C 226 32.94 -35.19 -30.12
C THR C 226 32.15 -36.36 -29.55
N GLN C 227 32.35 -36.70 -28.28
CA GLN C 227 31.62 -37.81 -27.67
C GLN C 227 30.12 -37.58 -27.69
N LEU C 228 29.67 -36.32 -27.77
CA LEU C 228 28.24 -36.04 -27.75
C LEU C 228 27.62 -36.16 -29.15
N ILE C 229 28.37 -35.79 -30.19
CA ILE C 229 27.83 -35.89 -31.55
C ILE C 229 28.24 -37.18 -32.26
N GLN C 230 29.15 -37.96 -31.67
CA GLN C 230 29.57 -39.23 -32.25
C GLN C 230 28.64 -40.34 -31.77
N ALA C 231 28.10 -41.10 -32.72
CA ALA C 231 27.22 -42.21 -32.39
C ALA C 231 27.93 -43.20 -31.47
N ASP C 232 27.27 -43.55 -30.37
CA ASP C 232 27.84 -44.50 -29.41
C ASP C 232 27.68 -45.92 -29.94
N ILE C 233 27.99 -46.90 -29.09
CA ILE C 233 27.82 -48.30 -29.48
C ILE C 233 26.38 -48.60 -29.81
N ASP C 234 25.44 -47.89 -29.19
CA ASP C 234 24.01 -48.06 -29.46
C ASP C 234 23.51 -47.18 -30.59
N GLY C 235 24.35 -46.29 -31.13
CA GLY C 235 23.92 -45.36 -32.14
C GLY C 235 23.27 -44.09 -31.61
N GLU C 236 23.20 -43.93 -30.30
CA GLU C 236 22.67 -42.71 -29.71
C GLU C 236 23.68 -41.57 -29.85
N LYS C 237 23.18 -40.38 -30.18
CA LYS C 237 24.00 -39.19 -30.29
C LYS C 237 23.10 -37.98 -30.45
N LEU C 238 23.57 -36.84 -29.94
CA LEU C 238 22.83 -35.59 -30.09
C LEU C 238 22.88 -35.12 -31.54
N SER C 239 21.74 -34.69 -32.05
CA SER C 239 21.72 -34.02 -33.34
C SER C 239 22.38 -32.64 -33.23
N ASP C 240 22.62 -32.03 -34.38
CA ASP C 240 23.29 -30.73 -34.40
C ASP C 240 22.51 -29.69 -33.60
N ASP C 241 21.18 -29.65 -33.77
CA ASP C 241 20.38 -28.69 -33.02
C ASP C 241 20.27 -29.09 -31.55
N GLU C 242 20.27 -30.39 -31.25
CA GLU C 242 20.23 -30.83 -29.86
C GLU C 242 21.48 -30.39 -29.11
N PHE C 243 22.64 -30.47 -29.78
CA PHE C 243 23.86 -29.91 -29.20
C PHE C 243 23.70 -28.43 -28.91
N GLY C 244 23.06 -27.69 -29.83
CA GLY C 244 22.86 -26.27 -29.62
C GLY C 244 22.03 -25.96 -28.39
N PHE C 245 20.93 -26.69 -28.20
CA PHE C 245 20.13 -26.48 -26.99
C PHE C 245 20.85 -26.95 -25.74
N PHE C 246 21.79 -27.90 -25.89
CA PHE C 246 22.62 -28.31 -24.76
C PHE C 246 23.53 -27.17 -24.30
N VAL C 247 24.16 -26.47 -25.25
CA VAL C 247 25.04 -25.37 -24.90
C VAL C 247 24.27 -24.23 -24.27
N VAL C 248 23.08 -23.94 -24.79
CA VAL C 248 22.26 -22.87 -24.20
C VAL C 248 21.87 -23.23 -22.78
N MET C 249 21.55 -24.51 -22.54
CA MET C 249 21.20 -24.95 -21.19
C MET C 249 22.37 -24.74 -20.24
N LEU C 250 23.56 -25.21 -20.62
CA LEU C 250 24.74 -25.05 -19.77
C LEU C 250 25.08 -23.59 -19.54
N ALA C 251 24.91 -22.75 -20.57
CA ALA C 251 25.22 -21.33 -20.45
C ALA C 251 24.46 -20.70 -19.30
N VAL C 252 23.28 -21.23 -18.96
CA VAL C 252 22.47 -20.72 -17.86
C VAL C 252 22.66 -21.61 -16.64
N ALA C 253 22.79 -22.92 -16.87
CA ALA C 253 22.76 -23.88 -15.77
C ALA C 253 24.01 -23.77 -14.88
N GLY C 254 25.17 -23.56 -15.48
CA GLY C 254 26.41 -23.53 -14.72
C GLY C 254 26.99 -22.16 -14.48
N ASN C 255 26.27 -21.09 -14.79
CA ASN C 255 26.81 -19.74 -14.70
C ASN C 255 26.43 -19.10 -13.37
N GLU C 256 25.26 -18.47 -13.32
CA GLU C 256 24.83 -17.75 -12.12
C GLU C 256 24.63 -18.68 -10.93
N THR C 257 24.42 -19.97 -11.17
CA THR C 257 24.27 -20.92 -10.06
C THR C 257 25.53 -20.98 -9.21
N THR C 258 26.64 -21.43 -9.79
CA THR C 258 27.86 -21.54 -9.03
C THR C 258 28.40 -20.17 -8.62
N ARG C 259 28.26 -19.18 -9.49
CA ARG C 259 28.65 -17.82 -9.16
C ARG C 259 28.05 -17.36 -7.84
N ASN C 260 26.77 -17.65 -7.62
CA ASN C 260 26.10 -17.23 -6.39
C ASN C 260 26.40 -18.13 -5.22
N SER C 261 26.75 -19.40 -5.45
CA SER C 261 27.28 -20.22 -4.38
C SER C 261 28.60 -19.68 -3.85
N ILE C 262 29.40 -19.06 -4.72
CA ILE C 262 30.69 -18.52 -4.31
C ILE C 262 30.50 -17.21 -3.53
N THR C 263 29.68 -16.30 -4.04
CA THR C 263 29.49 -15.02 -3.38
C THR C 263 28.81 -15.20 -2.02
N GLN C 264 27.68 -15.91 -1.99
CA GLN C 264 26.97 -16.11 -0.73
C GLN C 264 27.69 -17.10 0.19
N GLY C 265 28.50 -18.01 -0.36
CA GLY C 265 29.39 -18.79 0.47
C GLY C 265 30.41 -17.94 1.18
N MET C 266 30.91 -16.89 0.52
CA MET C 266 31.84 -15.97 1.14
C MET C 266 31.13 -15.06 2.14
N MET C 267 29.89 -14.64 1.84
CA MET C 267 29.10 -13.89 2.79
C MET C 267 28.94 -14.64 4.10
N ALA C 268 28.60 -15.93 4.02
CA ALA C 268 28.44 -16.73 5.22
C ALA C 268 29.76 -16.82 6.00
N PHE C 269 30.88 -16.92 5.29
CA PHE C 269 32.17 -16.94 5.96
C PHE C 269 32.46 -15.62 6.66
N ALA C 270 32.09 -14.50 6.03
CA ALA C 270 32.27 -13.20 6.68
C ALA C 270 31.35 -13.07 7.90
N GLU C 271 30.20 -13.73 7.89
CA GLU C 271 29.28 -13.67 9.01
C GLU C 271 29.66 -14.67 10.10
N HIS C 272 30.32 -15.77 9.74
CA HIS C 272 30.73 -16.81 10.68
C HIS C 272 32.25 -16.93 10.64
N PRO C 273 32.98 -16.02 11.29
CA PRO C 273 34.45 -16.08 11.23
C PRO C 273 35.02 -17.38 11.79
N ASP C 274 34.32 -18.01 12.74
CA ASP C 274 34.79 -19.29 13.27
C ASP C 274 34.84 -20.37 12.19
N GLN C 275 33.90 -20.33 11.24
CA GLN C 275 33.92 -21.30 10.15
C GLN C 275 34.98 -20.95 9.12
N TRP C 276 35.19 -19.65 8.86
CA TRP C 276 36.21 -19.24 7.90
C TRP C 276 37.61 -19.62 8.40
N GLU C 277 37.85 -19.45 9.70
CA GLU C 277 39.14 -19.86 10.26
C GLU C 277 39.30 -21.37 10.20
N LEU C 278 38.21 -22.11 10.42
CA LEU C 278 38.28 -23.57 10.32
C LEU C 278 38.54 -24.02 8.90
N TYR C 279 37.89 -23.38 7.91
CA TYR C 279 38.10 -23.75 6.53
C TYR C 279 39.55 -23.52 6.11
N LYS C 280 40.10 -22.36 6.47
CA LYS C 280 41.48 -22.06 6.09
C LYS C 280 42.46 -23.06 6.68
N LYS C 281 42.13 -23.67 7.81
CA LYS C 281 43.00 -24.62 8.48
C LYS C 281 42.90 -26.03 7.89
N VAL C 282 41.68 -26.54 7.72
CA VAL C 282 41.51 -27.94 7.33
C VAL C 282 41.03 -28.11 5.89
N ARG C 283 40.42 -27.08 5.28
CA ARG C 283 39.92 -27.14 3.91
C ARG C 283 39.03 -28.37 3.71
N PRO C 284 37.96 -28.53 4.49
CA PRO C 284 37.24 -29.80 4.48
C PRO C 284 36.37 -29.92 3.24
N GLU C 285 36.36 -31.11 2.65
CA GLU C 285 35.60 -31.33 1.44
C GLU C 285 34.09 -31.23 1.67
N THR C 286 33.64 -31.39 2.91
CA THR C 286 32.22 -31.21 3.23
C THR C 286 31.77 -29.75 3.11
N ALA C 287 32.71 -28.81 2.95
CA ALA C 287 32.34 -27.40 2.93
C ALA C 287 31.53 -27.05 1.69
N ALA C 288 31.82 -27.68 0.56
CA ALA C 288 31.12 -27.36 -0.68
C ALA C 288 29.62 -27.56 -0.55
N ASP C 289 29.20 -28.59 0.19
CA ASP C 289 27.78 -28.87 0.34
C ASP C 289 27.10 -27.85 1.24
N GLU C 290 27.67 -27.59 2.41
CA GLU C 290 27.07 -26.61 3.31
C GLU C 290 27.00 -25.23 2.68
N ILE C 291 27.97 -24.88 1.85
CA ILE C 291 27.92 -23.63 1.11
C ILE C 291 26.70 -23.61 0.19
N VAL C 292 26.48 -24.69 -0.55
CA VAL C 292 25.34 -24.75 -1.46
C VAL C 292 24.03 -24.70 -0.67
N ARG C 293 23.97 -25.42 0.45
CA ARG C 293 22.77 -25.37 1.30
C ARG C 293 22.51 -23.96 1.80
N TRP C 294 23.55 -23.27 2.26
CA TRP C 294 23.39 -21.92 2.74
C TRP C 294 23.04 -20.95 1.61
N ALA C 295 23.64 -21.15 0.44
CA ALA C 295 23.46 -20.19 -0.66
C ALA C 295 22.14 -20.42 -1.40
N THR C 296 21.77 -21.69 -1.65
CA THR C 296 20.61 -22.11 -2.44
C THR C 296 20.46 -21.18 -3.64
N PRO C 297 21.35 -21.26 -4.63
CA PRO C 297 21.28 -20.32 -5.76
C PRO C 297 19.96 -20.35 -6.50
N VAL C 298 19.33 -21.52 -6.59
CA VAL C 298 18.00 -21.64 -7.17
C VAL C 298 16.99 -21.67 -6.04
N THR C 299 16.25 -20.58 -5.87
CA THR C 299 15.28 -20.51 -4.79
C THR C 299 14.19 -21.56 -4.96
N ALA C 300 13.65 -21.69 -6.18
CA ALA C 300 12.52 -22.58 -6.38
C ALA C 300 12.42 -23.00 -7.84
N PHE C 301 12.06 -24.26 -8.06
CA PHE C 301 11.65 -24.78 -9.36
C PHE C 301 10.27 -25.42 -9.20
N GLN C 302 9.44 -25.31 -10.24
CA GLN C 302 8.06 -25.78 -10.15
C GLN C 302 7.86 -27.07 -10.92
N ARG C 303 6.74 -27.73 -10.64
CA ARG C 303 6.26 -28.86 -11.41
C ARG C 303 4.75 -28.72 -11.59
N THR C 304 4.19 -29.50 -12.51
CA THR C 304 2.76 -29.50 -12.79
C THR C 304 2.25 -30.93 -12.64
N ALA C 305 1.18 -31.11 -11.87
CA ALA C 305 0.65 -32.44 -11.61
C ALA C 305 -0.12 -32.96 -12.81
N LEU C 306 0.24 -34.15 -13.27
CA LEU C 306 -0.43 -34.80 -14.39
C LEU C 306 -1.64 -35.62 -13.96
N ARG C 307 -2.06 -35.51 -12.69
CA ARG C 307 -3.22 -36.22 -12.17
C ARG C 307 -3.46 -35.74 -10.74
N ASP C 308 -4.56 -36.23 -10.15
CA ASP C 308 -4.82 -35.96 -8.75
C ASP C 308 -3.83 -36.74 -7.88
N TYR C 309 -3.15 -36.04 -6.98
CA TYR C 309 -2.14 -36.65 -6.13
C TYR C 309 -2.31 -36.10 -4.71
N GLU C 310 -2.15 -36.98 -3.72
CA GLU C 310 -2.23 -36.59 -2.32
C GLU C 310 -0.82 -36.54 -1.75
N LEU C 311 -0.41 -35.35 -1.30
CA LEU C 311 0.93 -35.12 -0.78
C LEU C 311 0.80 -34.58 0.65
N SER C 312 1.24 -35.38 1.61
CA SER C 312 1.23 -35.00 3.03
C SER C 312 -0.14 -34.47 3.46
N GLY C 313 -1.18 -35.26 3.17
CA GLY C 313 -2.53 -34.92 3.57
C GLY C 313 -3.23 -33.86 2.75
N VAL C 314 -2.57 -33.28 1.75
CA VAL C 314 -3.17 -32.25 0.92
C VAL C 314 -3.49 -32.84 -0.45
N GLN C 315 -4.61 -32.40 -1.03
CA GLN C 315 -5.08 -32.90 -2.31
C GLN C 315 -4.57 -31.99 -3.41
N ILE C 316 -3.60 -32.49 -4.17
CA ILE C 316 -3.12 -31.84 -5.39
C ILE C 316 -3.99 -32.28 -6.54
N LYS C 317 -4.55 -31.32 -7.29
CA LYS C 317 -5.44 -31.62 -8.40
C LYS C 317 -4.70 -31.47 -9.73
N LYS C 318 -5.18 -32.18 -10.75
CA LYS C 318 -4.55 -32.18 -12.06
C LYS C 318 -4.45 -30.76 -12.61
N GLY C 319 -3.31 -30.44 -13.24
CA GLY C 319 -3.09 -29.16 -13.86
C GLY C 319 -2.60 -28.07 -12.95
N GLN C 320 -2.53 -28.32 -11.65
CA GLN C 320 -2.07 -27.32 -10.69
C GLN C 320 -0.56 -27.33 -10.58
N ARG C 321 0.00 -26.16 -10.27
CA ARG C 321 1.44 -26.01 -10.12
C ARG C 321 1.83 -26.16 -8.65
N VAL C 322 2.85 -26.97 -8.41
CA VAL C 322 3.54 -26.99 -7.12
C VAL C 322 4.89 -26.32 -7.33
N VAL C 323 5.31 -25.52 -6.35
CA VAL C 323 6.59 -24.82 -6.42
C VAL C 323 7.45 -25.32 -5.27
N MET C 324 8.53 -26.01 -5.61
CA MET C 324 9.46 -26.53 -4.61
C MET C 324 10.42 -25.42 -4.20
N PHE C 325 10.24 -24.89 -3.01
CA PHE C 325 11.11 -23.82 -2.51
C PHE C 325 12.28 -24.47 -1.79
N TYR C 326 13.37 -24.67 -2.54
CA TYR C 326 14.59 -25.21 -1.95
C TYR C 326 15.12 -24.33 -0.82
N ARG C 327 14.90 -23.02 -0.92
CA ARG C 327 15.34 -22.10 0.12
C ARG C 327 14.69 -22.44 1.46
N SER C 328 13.44 -22.86 1.44
CA SER C 328 12.79 -23.26 2.68
C SER C 328 13.25 -24.66 3.10
N ALA C 329 13.27 -25.60 2.15
CA ALA C 329 13.62 -26.98 2.47
C ALA C 329 15.02 -27.08 3.09
N ASN C 330 15.96 -26.27 2.58
CA ASN C 330 17.33 -26.32 3.08
C ASN C 330 17.47 -25.82 4.52
N PHE C 331 16.40 -25.28 5.10
CA PHE C 331 16.40 -24.87 6.50
C PHE C 331 15.25 -25.53 7.24
N ASP C 332 14.81 -26.69 6.76
CA ASP C 332 13.80 -27.47 7.45
C ASP C 332 14.29 -27.84 8.86
N GLU C 333 13.55 -27.40 9.87
CA GLU C 333 13.98 -27.61 11.24
C GLU C 333 13.90 -29.07 11.66
N GLU C 334 13.01 -29.85 11.04
CA GLU C 334 12.87 -31.25 11.38
C GLU C 334 13.93 -32.14 10.75
N VAL C 335 14.64 -31.64 9.73
CA VAL C 335 15.61 -32.44 9.00
C VAL C 335 17.01 -32.06 9.47
N PHE C 336 17.22 -30.77 9.79
CA PHE C 336 18.55 -30.24 10.06
C PHE C 336 18.84 -29.95 11.52
N GLN C 337 17.84 -30.04 12.41
CA GLN C 337 18.02 -29.83 13.85
C GLN C 337 18.52 -28.43 14.18
N ASP C 338 19.60 -28.00 13.53
CA ASP C 338 20.12 -26.63 13.67
C ASP C 338 20.30 -26.00 12.30
N PRO C 339 19.21 -25.78 11.57
CA PRO C 339 19.35 -25.32 10.16
C PRO C 339 20.01 -23.96 10.03
N PHE C 340 19.78 -23.06 10.97
CA PHE C 340 20.32 -21.71 10.90
C PHE C 340 21.79 -21.64 11.31
N THR C 341 22.43 -22.78 11.56
CA THR C 341 23.84 -22.84 11.89
C THR C 341 24.65 -23.12 10.64
N PHE C 342 25.68 -22.31 10.39
CA PHE C 342 26.61 -22.53 9.29
C PHE C 342 27.74 -23.42 9.79
N ASN C 343 27.80 -24.65 9.29
CA ASN C 343 28.76 -25.65 9.76
C ASN C 343 29.34 -26.36 8.55
N ILE C 344 30.59 -26.04 8.20
CA ILE C 344 31.22 -26.62 7.02
C ILE C 344 31.60 -28.08 7.19
N LEU C 345 31.47 -28.63 8.40
CA LEU C 345 31.69 -30.05 8.65
C LEU C 345 30.39 -30.83 8.74
N ARG C 346 29.26 -30.23 8.33
CA ARG C 346 27.98 -30.91 8.40
C ARG C 346 28.02 -32.22 7.63
N ASN C 347 27.58 -33.30 8.27
CA ASN C 347 27.68 -34.64 7.73
C ASN C 347 26.80 -35.61 8.53
N PRO C 348 25.75 -36.20 7.91
CA PRO C 348 25.40 -36.08 6.49
C PRO C 348 24.71 -34.74 6.18
N ASN C 349 24.62 -34.38 4.89
CA ASN C 349 24.05 -33.10 4.47
C ASN C 349 23.03 -33.39 3.37
N PRO C 350 21.78 -33.68 3.74
CA PRO C 350 20.73 -33.98 2.77
C PRO C 350 20.06 -32.72 2.20
N HIS C 351 20.88 -31.73 1.83
CA HIS C 351 20.35 -30.49 1.30
C HIS C 351 19.83 -30.69 -0.13
N VAL C 352 18.95 -29.79 -0.54
CA VAL C 352 18.35 -29.89 -1.87
C VAL C 352 18.70 -28.65 -2.69
N GLY C 353 19.89 -28.10 -2.46
CA GLY C 353 20.36 -26.99 -3.29
C GLY C 353 20.56 -27.40 -4.73
N PHE C 354 21.02 -28.63 -4.97
CA PHE C 354 21.05 -29.22 -6.30
C PHE C 354 19.74 -29.86 -6.68
N GLY C 355 18.66 -29.52 -5.98
CA GLY C 355 17.36 -30.13 -6.18
C GLY C 355 17.19 -31.39 -5.36
N GLY C 356 15.96 -31.90 -5.38
CA GLY C 356 15.69 -33.18 -4.76
C GLY C 356 16.13 -34.33 -5.64
N THR C 357 16.49 -35.44 -4.99
CA THR C 357 16.87 -36.64 -5.71
C THR C 357 15.77 -37.05 -6.69
N GLY C 358 16.17 -37.34 -7.92
CA GLY C 358 15.21 -37.72 -8.94
C GLY C 358 15.84 -37.66 -10.32
N ALA C 359 14.98 -37.64 -11.33
CA ALA C 359 15.44 -37.66 -12.71
C ALA C 359 16.20 -36.38 -13.06
N HIS C 360 15.74 -35.24 -12.54
CA HIS C 360 16.28 -33.94 -12.93
C HIS C 360 17.38 -33.41 -12.02
N TYR C 361 17.80 -34.20 -11.04
CA TYR C 361 18.88 -33.80 -10.13
C TYR C 361 20.07 -33.27 -10.93
N CYS C 362 20.61 -32.14 -10.48
CA CYS C 362 21.64 -31.40 -11.21
C CYS C 362 22.74 -32.32 -11.69
N ILE C 363 23.00 -32.29 -12.99
CA ILE C 363 24.01 -33.17 -13.58
C ILE C 363 25.40 -32.58 -13.44
N GLY C 364 25.53 -31.27 -13.23
CA GLY C 364 26.84 -30.66 -13.06
C GLY C 364 27.19 -30.45 -11.60
N ALA C 365 26.54 -31.18 -10.71
CA ALA C 365 26.74 -30.99 -9.27
C ALA C 365 28.20 -31.23 -8.87
N ASN C 366 28.83 -32.25 -9.45
CA ASN C 366 30.21 -32.53 -9.12
C ASN C 366 31.15 -31.46 -9.68
N LEU C 367 30.84 -30.95 -10.88
CA LEU C 367 31.62 -29.84 -11.42
C LEU C 367 31.48 -28.60 -10.55
N ALA C 368 30.27 -28.32 -10.07
CA ALA C 368 30.04 -27.16 -9.20
C ALA C 368 30.84 -27.28 -7.91
N ARG C 369 30.74 -28.44 -7.24
CA ARG C 369 31.44 -28.62 -5.98
C ARG C 369 32.95 -28.48 -6.15
N MET C 370 33.49 -28.94 -7.28
CA MET C 370 34.90 -28.74 -7.56
C MET C 370 35.20 -27.27 -7.77
N THR C 371 34.37 -26.58 -8.56
CA THR C 371 34.55 -25.15 -8.78
C THR C 371 34.55 -24.39 -7.45
N ILE C 372 33.64 -24.75 -6.55
CA ILE C 372 33.58 -24.11 -5.24
C ILE C 372 34.86 -24.37 -4.46
N ASN C 373 35.22 -25.66 -4.31
CA ASN C 373 36.38 -26.03 -3.52
C ASN C 373 37.65 -25.36 -4.03
N LEU C 374 37.78 -25.20 -5.35
CA LEU C 374 38.98 -24.63 -5.92
C LEU C 374 39.07 -23.13 -5.65
N ILE C 375 37.97 -22.40 -5.87
CA ILE C 375 38.01 -20.95 -5.70
C ILE C 375 38.19 -20.59 -4.23
N PHE C 376 37.59 -21.35 -3.32
CA PHE C 376 37.71 -21.05 -1.90
C PHE C 376 39.05 -21.50 -1.33
N ASN C 377 39.67 -22.52 -1.94
CA ASN C 377 41.07 -22.81 -1.62
C ASN C 377 41.97 -21.68 -2.08
N ALA C 378 41.68 -21.11 -3.25
CA ALA C 378 42.50 -20.01 -3.77
C ALA C 378 42.27 -18.73 -2.98
N VAL C 379 41.02 -18.44 -2.62
CA VAL C 379 40.73 -17.30 -1.76
C VAL C 379 41.46 -17.44 -0.42
N ALA C 380 41.43 -18.65 0.15
CA ALA C 380 42.12 -18.88 1.42
C ALA C 380 43.63 -18.71 1.29
N ASP C 381 44.18 -19.01 0.11
CA ASP C 381 45.63 -18.92 -0.08
C ASP C 381 46.09 -17.48 -0.31
N HIS C 382 45.27 -16.66 -0.97
CA HIS C 382 45.69 -15.34 -1.41
C HIS C 382 45.05 -14.19 -0.67
N MET C 383 43.91 -14.41 -0.01
CA MET C 383 43.22 -13.34 0.73
C MET C 383 42.65 -13.89 2.03
N PRO C 384 43.50 -14.40 2.93
CA PRO C 384 42.96 -15.03 4.15
C PRO C 384 42.30 -14.06 5.13
N ASP C 385 42.42 -12.74 4.92
CA ASP C 385 41.91 -11.76 5.87
C ASP C 385 40.89 -10.81 5.25
N LEU C 386 40.26 -11.19 4.15
CA LEU C 386 39.31 -10.30 3.51
C LEU C 386 38.08 -10.09 4.40
N LYS C 387 37.47 -8.91 4.27
CA LYS C 387 36.31 -8.52 5.05
C LYS C 387 35.46 -7.62 4.17
N PRO C 388 34.14 -7.74 4.24
CA PRO C 388 33.28 -6.93 3.37
C PRO C 388 33.38 -5.45 3.71
N ILE C 389 33.18 -4.62 2.69
CA ILE C 389 33.15 -3.18 2.87
C ILE C 389 31.73 -2.66 3.08
N SER C 390 30.81 -3.03 2.19
CA SER C 390 29.43 -2.58 2.25
C SER C 390 28.49 -3.73 1.94
N ALA C 391 27.19 -3.45 2.08
CA ALA C 391 26.17 -4.48 1.94
C ALA C 391 26.10 -4.99 0.50
N PRO C 392 25.73 -6.25 0.30
CA PRO C 392 25.55 -6.77 -1.05
C PRO C 392 24.24 -6.27 -1.67
N GLU C 393 24.26 -6.14 -2.99
CA GLU C 393 23.08 -5.76 -3.76
C GLU C 393 22.45 -7.02 -4.34
N ARG C 394 21.18 -7.23 -4.04
CA ARG C 394 20.48 -8.44 -4.43
C ARG C 394 19.84 -8.29 -5.81
N LEU C 395 19.51 -9.44 -6.42
CA LEU C 395 18.96 -9.49 -7.75
C LEU C 395 17.43 -9.58 -7.70
N ARG C 396 16.77 -8.79 -8.53
CA ARG C 396 15.31 -8.86 -8.66
C ARG C 396 14.95 -10.06 -9.54
N SER C 397 14.35 -11.08 -8.94
CA SER C 397 13.95 -12.30 -9.63
C SER C 397 13.12 -13.14 -8.67
N GLY C 398 12.11 -13.82 -9.21
CA GLY C 398 11.24 -14.66 -8.41
C GLY C 398 11.65 -16.10 -8.25
N TRP C 399 12.79 -16.49 -8.84
CA TRP C 399 13.28 -17.86 -8.72
C TRP C 399 14.78 -17.97 -8.55
N LEU C 400 15.56 -16.94 -8.88
CA LEU C 400 17.00 -16.95 -8.78
C LEU C 400 17.44 -16.09 -7.60
N ASN C 401 18.26 -16.64 -6.72
CA ASN C 401 18.79 -15.94 -5.56
C ASN C 401 20.17 -15.42 -5.94
N GLY C 402 20.22 -14.19 -6.42
CA GLY C 402 21.42 -13.64 -7.03
C GLY C 402 21.96 -12.43 -6.29
N ILE C 403 23.29 -12.32 -6.25
CA ILE C 403 24.00 -11.15 -5.74
C ILE C 403 24.64 -10.46 -6.93
N LYS C 404 24.24 -9.21 -7.19
CA LYS C 404 24.80 -8.48 -8.32
C LYS C 404 26.17 -7.91 -8.00
N HIS C 405 26.33 -7.26 -6.84
CA HIS C 405 27.58 -6.62 -6.46
C HIS C 405 27.78 -6.76 -4.96
N TRP C 406 29.06 -6.84 -4.56
CA TRP C 406 29.43 -6.94 -3.15
C TRP C 406 30.85 -6.39 -3.01
N GLN C 407 31.00 -5.25 -2.34
CA GLN C 407 32.30 -4.63 -2.16
C GLN C 407 33.04 -5.28 -1.00
N VAL C 408 34.32 -5.60 -1.23
CA VAL C 408 35.11 -6.37 -0.26
C VAL C 408 36.54 -5.83 -0.26
N ASP C 409 37.13 -5.75 0.94
CA ASP C 409 38.54 -5.40 1.13
C ASP C 409 39.32 -6.72 1.18
N TYR C 410 39.98 -7.07 0.08
CA TYR C 410 40.63 -8.38 0.00
C TYR C 410 41.83 -8.49 0.93
N THR C 411 42.48 -7.38 1.27
CA THR C 411 43.66 -7.43 2.13
C THR C 411 43.34 -7.26 3.61
N GLY C 412 42.19 -6.70 3.95
CA GLY C 412 41.85 -6.49 5.35
C GLY C 412 42.56 -5.30 5.96
#